data_3IXQ
#
_entry.id   3IXQ
#
_cell.length_a   54.856
_cell.length_b   100.273
_cell.length_c   80.465
_cell.angle_alpha   90.000
_cell.angle_beta   92.540
_cell.angle_gamma   90.000
#
_symmetry.space_group_name_H-M   'P 1 21 1'
#
loop_
_entity.id
_entity.type
_entity.pdbx_description
1 polymer 'Ribose-5-phosphate isomerase A'
2 non-polymer 'CHLORIDE ION'
3 non-polymer S-1,2-PROPANEDIOL
4 non-polymer 'ACETATE ION'
5 water water
#
_entity_poly.entity_id   1
_entity_poly.type   'polypeptide(L)'
_entity_poly.pdbx_seq_one_letter_code
;MSNEDLKLKVAKEAVKLVKDGMVIGLGTGSTAALFIRELGNRIREEELTVFGIPTSFEAKMLAMQYEIPLVTLDEYDVDI
AFDGADEVEETTLFLIKGGGGCHTQEKIVDYNANEFVVLVDESKLVKKLGEKFPIPVEVIPSAYRVVIRALSEMGGEAVI
RLGDRKRGPVITDNGNMIIDVFMNIDDAIELEKEINNIPGVVENGIFTKVDKVLVGTKKGVKTLKK
;
_entity_poly.pdbx_strand_id   A,B,C,D
#
loop_
_chem_comp.id
_chem_comp.type
_chem_comp.name
_chem_comp.formula
ACT non-polymer 'ACETATE ION' 'C2 H3 O2 -1'
CL non-polymer 'CHLORIDE ION' 'Cl -1'
PGO non-polymer S-1,2-PROPANEDIOL 'C3 H8 O2'
#
# COMPACT_ATOMS: atom_id res chain seq x y z
N SER A 2 19.59 21.70 -18.28
CA SER A 2 18.25 21.10 -18.57
C SER A 2 17.97 20.64 -20.01
N ASN A 3 18.61 21.23 -21.02
CA ASN A 3 18.79 20.55 -22.32
C ASN A 3 17.51 20.13 -23.01
N GLU A 4 16.49 20.99 -22.98
CA GLU A 4 15.16 20.59 -23.48
C GLU A 4 15.21 20.29 -24.95
N ASP A 5 16.05 21.01 -25.66
CA ASP A 5 16.21 20.81 -27.09
CA ASP A 5 16.23 20.81 -27.09
C ASP A 5 16.70 19.38 -27.40
N LEU A 6 17.70 18.93 -26.64
CA LEU A 6 18.27 17.60 -26.84
C LEU A 6 17.27 16.51 -26.44
N LYS A 7 16.49 16.79 -25.40
CA LYS A 7 15.48 15.86 -24.94
C LYS A 7 14.38 15.67 -25.95
N LEU A 8 13.94 16.78 -26.56
CA LEU A 8 12.92 16.70 -27.59
C LEU A 8 13.40 15.95 -28.83
N LYS A 9 14.65 16.22 -29.21
CA LYS A 9 15.28 15.54 -30.34
CA LYS A 9 15.31 15.56 -30.33
C LYS A 9 15.30 14.03 -30.15
N VAL A 10 15.71 13.56 -28.97
CA VAL A 10 15.77 12.12 -28.72
CA VAL A 10 15.77 12.11 -28.72
C VAL A 10 14.37 11.51 -28.73
N ALA A 11 13.41 12.21 -28.16
CA ALA A 11 12.02 11.73 -28.13
C ALA A 11 11.46 11.57 -29.55
N LYS A 12 11.71 12.58 -30.39
CA LYS A 12 11.23 12.55 -31.76
C LYS A 12 11.87 11.41 -32.56
N GLU A 13 13.14 11.12 -32.30
CA GLU A 13 13.82 10.05 -33.00
C GLU A 13 13.34 8.70 -32.47
N ALA A 14 13.24 8.59 -31.15
CA ALA A 14 12.80 7.34 -30.53
C ALA A 14 11.44 6.87 -31.04
N VAL A 15 10.49 7.78 -31.22
CA VAL A 15 9.10 7.43 -31.58
C VAL A 15 9.01 6.70 -32.94
N LYS A 16 10.04 6.91 -33.76
CA LYS A 16 10.13 6.28 -35.08
C LYS A 16 10.35 4.79 -34.95
N LEU A 17 10.88 4.32 -33.82
CA LEU A 17 11.09 2.89 -33.60
C LEU A 17 9.80 2.09 -33.36
N VAL A 18 8.72 2.78 -33.01
CA VAL A 18 7.48 2.11 -32.67
C VAL A 18 6.85 1.62 -33.93
N LYS A 19 6.38 0.38 -33.91
CA LYS A 19 5.64 -0.22 -35.03
C LYS A 19 4.20 -0.48 -34.62
N ASP A 20 3.31 -0.43 -35.62
CA ASP A 20 1.91 -0.74 -35.40
C ASP A 20 1.73 -2.10 -34.78
N GLY A 21 0.86 -2.20 -33.78
CA GLY A 21 0.58 -3.46 -33.09
C GLY A 21 1.41 -3.70 -31.83
N MET A 22 2.39 -2.84 -31.58
CA MET A 22 3.26 -2.99 -30.41
C MET A 22 2.60 -2.55 -29.10
N VAL A 23 3.11 -3.15 -28.02
CA VAL A 23 2.86 -2.72 -26.65
C VAL A 23 4.15 -2.04 -26.20
N ILE A 24 4.04 -0.78 -25.80
CA ILE A 24 5.19 0.04 -25.52
C ILE A 24 5.21 0.39 -24.03
N GLY A 25 6.36 0.16 -23.40
CA GLY A 25 6.62 0.54 -22.04
C GLY A 25 6.86 2.04 -21.94
N LEU A 26 6.11 2.72 -21.07
CA LEU A 26 6.13 4.18 -20.96
C LEU A 26 6.87 4.60 -19.72
N GLY A 27 8.06 5.18 -19.95
CA GLY A 27 8.95 5.57 -18.89
C GLY A 27 8.50 6.82 -18.14
N THR A 28 9.32 7.24 -17.20
CA THR A 28 9.02 8.32 -16.27
C THR A 28 10.15 9.35 -16.34
N GLY A 29 9.81 10.60 -16.07
CA GLY A 29 10.78 11.71 -16.11
C GLY A 29 10.56 12.59 -17.30
N SER A 30 11.29 13.70 -17.32
CA SER A 30 11.08 14.74 -18.33
C SER A 30 11.29 14.24 -19.77
N THR A 31 12.32 13.43 -19.99
CA THR A 31 12.60 12.94 -21.35
C THR A 31 11.54 11.93 -21.81
N ALA A 32 11.20 10.99 -20.93
CA ALA A 32 10.15 10.03 -21.23
C ALA A 32 8.82 10.72 -21.45
N ALA A 33 8.54 11.80 -20.68
CA ALA A 33 7.32 12.59 -20.86
C ALA A 33 7.18 13.13 -22.30
N LEU A 34 8.25 13.71 -22.81
CA LEU A 34 8.29 14.17 -24.22
C LEU A 34 8.05 13.04 -25.20
N PHE A 35 8.63 11.87 -24.91
CA PHE A 35 8.38 10.70 -25.71
C PHE A 35 6.91 10.30 -25.70
N ILE A 36 6.29 10.35 -24.52
CA ILE A 36 4.87 9.95 -24.43
C ILE A 36 4.03 10.88 -25.33
N ARG A 37 4.32 12.18 -25.30
CA ARG A 37 3.63 13.17 -26.14
C ARG A 37 3.80 12.79 -27.62
N GLU A 38 5.04 12.51 -28.02
CA GLU A 38 5.32 12.14 -29.42
C GLU A 38 4.58 10.89 -29.81
N LEU A 39 4.58 9.89 -28.93
CA LEU A 39 3.90 8.65 -29.21
C LEU A 39 2.38 8.85 -29.38
N GLY A 40 1.78 9.61 -28.47
CA GLY A 40 0.34 9.91 -28.55
C GLY A 40 0.02 10.61 -29.86
N ASN A 41 0.87 11.57 -30.22
CA ASN A 41 0.65 12.31 -31.46
CA ASN A 41 0.70 12.31 -31.48
C ASN A 41 0.76 11.39 -32.68
N ARG A 42 1.77 10.51 -32.70
CA ARG A 42 1.91 9.54 -33.78
C ARG A 42 0.74 8.55 -33.86
N ILE A 43 0.27 8.05 -32.72
CA ILE A 43 -0.85 7.13 -32.72
C ILE A 43 -2.08 7.83 -33.35
N ARG A 44 -2.25 9.11 -33.05
CA ARG A 44 -3.40 9.88 -33.54
C ARG A 44 -3.28 10.12 -35.03
N GLU A 45 -2.14 10.68 -35.45
CA GLU A 45 -1.96 11.16 -36.82
C GLU A 45 -1.84 10.01 -37.84
N GLU A 46 -1.41 8.83 -37.40
CA GLU A 46 -1.29 7.65 -38.28
C GLU A 46 -2.31 6.54 -37.98
N GLU A 47 -3.19 6.76 -37.01
CA GLU A 47 -4.19 5.77 -36.59
C GLU A 47 -3.58 4.39 -36.32
N LEU A 48 -2.55 4.38 -35.46
CA LEU A 48 -1.90 3.13 -35.07
C LEU A 48 -2.69 2.41 -34.00
N THR A 49 -2.57 1.09 -33.98
CA THR A 49 -3.11 0.29 -32.91
C THR A 49 -1.90 -0.06 -32.05
N VAL A 50 -1.65 0.79 -31.05
CA VAL A 50 -0.50 0.65 -30.15
C VAL A 50 -1.02 0.85 -28.73
N PHE A 51 -0.59 -0.02 -27.83
CA PHE A 51 -0.95 0.06 -26.42
CA PHE A 51 -0.95 0.10 -26.43
C PHE A 51 0.28 0.43 -25.60
N GLY A 52 0.05 0.97 -24.42
CA GLY A 52 1.13 1.29 -23.49
C GLY A 52 1.00 0.56 -22.16
N ILE A 53 2.14 0.37 -21.49
CA ILE A 53 2.19 -0.13 -20.11
C ILE A 53 3.04 0.89 -19.35
N PRO A 54 2.47 1.48 -18.30
CA PRO A 54 3.12 2.57 -17.56
C PRO A 54 4.12 2.09 -16.53
N THR A 55 5.15 2.89 -16.25
CA THR A 55 6.13 2.64 -15.20
C THR A 55 5.86 3.44 -13.92
N SER A 56 4.80 4.25 -13.95
CA SER A 56 4.47 5.18 -12.86
C SER A 56 3.10 5.76 -13.00
N PHE A 57 2.60 6.36 -11.93
CA PHE A 57 1.37 7.17 -12.08
C PHE A 57 1.56 8.37 -13.00
N GLU A 58 2.76 8.93 -13.04
CA GLU A 58 3.07 9.98 -14.01
C GLU A 58 2.79 9.45 -15.43
N ALA A 59 3.35 8.31 -15.78
CA ALA A 59 3.19 7.71 -17.11
C ALA A 59 1.75 7.41 -17.40
N LYS A 60 1.00 6.96 -16.39
CA LYS A 60 -0.41 6.69 -16.58
C LYS A 60 -1.18 7.98 -16.92
N MET A 61 -0.94 9.04 -16.16
CA MET A 61 -1.58 10.32 -16.39
C MET A 61 -1.25 10.94 -17.74
N LEU A 62 0.01 10.87 -18.14
CA LEU A 62 0.41 11.38 -19.45
C LEU A 62 -0.18 10.56 -20.60
N ALA A 63 -0.23 9.23 -20.46
CA ALA A 63 -0.92 8.37 -21.44
C ALA A 63 -2.40 8.74 -21.61
N MET A 64 -3.07 9.00 -20.48
CA MET A 64 -4.46 9.50 -20.51
CA MET A 64 -4.45 9.49 -20.52
CA MET A 64 -4.45 9.46 -20.57
C MET A 64 -4.51 10.78 -21.34
N GLN A 65 -3.65 11.72 -20.99
CA GLN A 65 -3.62 13.05 -21.59
C GLN A 65 -3.39 12.98 -23.11
N TYR A 66 -2.50 12.07 -23.53
CA TYR A 66 -2.18 11.93 -24.95
C TYR A 66 -2.85 10.74 -25.64
N GLU A 67 -3.87 10.17 -24.99
CA GLU A 67 -4.80 9.19 -25.56
C GLU A 67 -4.11 7.91 -26.02
N ILE A 68 -3.20 7.40 -25.20
CA ILE A 68 -2.57 6.12 -25.44
C ILE A 68 -3.28 5.07 -24.60
N PRO A 69 -3.88 4.07 -25.22
CA PRO A 69 -4.59 3.03 -24.45
C PRO A 69 -3.62 2.24 -23.60
N LEU A 70 -3.92 2.10 -22.30
CA LEU A 70 -3.06 1.38 -21.36
C LEU A 70 -3.55 -0.03 -21.00
N VAL A 71 -2.64 -0.98 -21.08
CA VAL A 71 -2.88 -2.35 -20.68
C VAL A 71 -1.92 -2.66 -19.53
N THR A 72 -1.87 -3.92 -19.13
CA THR A 72 -1.11 -4.32 -17.94
CA THR A 72 -1.19 -4.40 -17.92
C THR A 72 -0.06 -5.37 -18.27
N LEU A 73 1.06 -5.27 -17.57
CA LEU A 73 2.17 -6.20 -17.74
C LEU A 73 1.73 -7.59 -17.31
N ASP A 74 0.77 -7.67 -16.39
CA ASP A 74 0.23 -8.97 -15.98
C ASP A 74 -0.49 -9.74 -17.11
N GLU A 75 -0.89 -9.03 -18.17
CA GLU A 75 -1.47 -9.63 -19.36
C GLU A 75 -0.64 -9.59 -20.64
N TYR A 76 0.23 -8.59 -20.81
CA TYR A 76 0.95 -8.39 -22.05
C TYR A 76 2.45 -8.19 -21.79
N ASP A 77 3.25 -8.79 -22.64
CA ASP A 77 4.68 -8.44 -22.69
C ASP A 77 4.88 -7.14 -23.45
N VAL A 78 6.00 -6.50 -23.16
CA VAL A 78 6.35 -5.25 -23.75
C VAL A 78 7.31 -5.50 -24.91
N ASP A 79 6.95 -4.96 -26.07
CA ASP A 79 7.80 -5.00 -27.25
C ASP A 79 9.01 -4.11 -27.06
N ILE A 80 8.77 -2.83 -26.79
CA ILE A 80 9.85 -1.88 -26.55
C ILE A 80 9.47 -1.06 -25.35
N ALA A 81 10.36 -0.98 -24.36
CA ALA A 81 10.23 -0.03 -23.25
C ALA A 81 11.14 1.16 -23.50
N PHE A 82 10.58 2.35 -23.39
CA PHE A 82 11.36 3.60 -23.47
C PHE A 82 11.39 4.26 -22.09
N ASP A 83 12.59 4.65 -21.65
CA ASP A 83 12.68 5.28 -20.33
C ASP A 83 13.91 6.17 -20.25
N GLY A 84 13.89 7.09 -19.29
CA GLY A 84 15.04 8.00 -19.07
C GLY A 84 16.03 7.42 -18.08
N ALA A 85 17.08 8.20 -17.78
CA ALA A 85 18.04 7.83 -16.74
C ALA A 85 18.68 9.07 -16.13
N ASP A 86 19.09 8.96 -14.86
CA ASP A 86 19.81 10.04 -14.18
C ASP A 86 21.30 10.07 -14.60
N GLU A 87 21.83 8.89 -14.85
CA GLU A 87 23.21 8.70 -15.31
C GLU A 87 23.29 7.50 -16.23
N VAL A 88 24.12 7.60 -17.26
CA VAL A 88 24.48 6.47 -18.13
C VAL A 88 26.01 6.39 -18.12
N GLU A 89 26.58 5.29 -17.62
CA GLU A 89 28.03 5.14 -17.61
C GLU A 89 28.52 4.81 -19.03
N GLU A 90 29.46 5.59 -19.53
CA GLU A 90 29.88 5.51 -20.94
C GLU A 90 30.37 4.14 -21.40
N THR A 91 31.18 3.47 -20.61
CA THR A 91 31.80 2.24 -21.15
C THR A 91 30.90 1.01 -21.06
N THR A 92 30.00 1.02 -20.08
CA THR A 92 29.22 -0.16 -19.71
C THR A 92 27.77 -0.04 -20.12
N LEU A 93 27.30 1.19 -20.33
CA LEU A 93 25.89 1.54 -20.44
C LEU A 93 25.05 1.16 -19.19
N PHE A 94 25.71 0.97 -18.05
CA PHE A 94 24.98 0.85 -16.81
C PHE A 94 24.34 2.20 -16.50
N LEU A 95 23.22 2.16 -15.77
CA LEU A 95 22.46 3.36 -15.42
C LEU A 95 22.30 3.54 -13.90
N ILE A 96 22.05 4.78 -13.49
CA ILE A 96 21.31 5.06 -12.27
C ILE A 96 19.98 5.67 -12.70
N LYS A 97 18.90 5.14 -12.14
CA LYS A 97 17.57 5.65 -12.29
C LYS A 97 16.91 5.80 -10.92
N GLY A 98 15.79 6.49 -10.88
CA GLY A 98 15.08 6.68 -9.63
C GLY A 98 15.24 8.05 -9.00
N GLY A 99 15.89 9.01 -9.69
CA GLY A 99 15.86 10.40 -9.26
C GLY A 99 14.43 10.87 -8.99
N GLY A 100 13.52 10.44 -9.86
CA GLY A 100 12.09 10.73 -9.67
C GLY A 100 11.27 9.74 -8.83
N GLY A 101 11.94 8.81 -8.16
CA GLY A 101 11.30 8.01 -7.17
C GLY A 101 10.54 6.77 -7.69
N CYS A 102 10.66 6.46 -8.99
CA CYS A 102 9.85 5.42 -9.61
C CYS A 102 10.63 4.23 -10.17
N HIS A 103 11.85 4.02 -9.69
CA HIS A 103 12.74 2.97 -10.22
C HIS A 103 12.21 1.55 -10.10
N THR A 104 11.42 1.27 -9.06
CA THR A 104 10.91 -0.10 -8.85
C THR A 104 9.99 -0.57 -10.01
N GLN A 105 8.91 0.16 -10.25
CA GLN A 105 8.04 -0.13 -11.42
C GLN A 105 8.77 0.00 -12.76
N GLU A 106 9.68 0.99 -12.85
CA GLU A 106 10.55 1.13 -14.02
C GLU A 106 11.32 -0.15 -14.31
N LYS A 107 11.95 -0.71 -13.28
CA LYS A 107 12.78 -1.93 -13.48
C LYS A 107 11.92 -3.14 -13.84
N ILE A 108 10.77 -3.26 -13.21
CA ILE A 108 9.81 -4.34 -13.50
C ILE A 108 9.47 -4.33 -15.03
N VAL A 109 9.17 -3.15 -15.57
CA VAL A 109 8.82 -3.01 -17.00
C VAL A 109 10.10 -3.17 -17.84
N ASP A 110 11.13 -2.42 -17.50
CA ASP A 110 12.24 -2.21 -18.42
C ASP A 110 13.07 -3.49 -18.57
N TYR A 111 13.36 -4.19 -17.48
CA TYR A 111 14.17 -5.40 -17.56
C TYR A 111 13.41 -6.53 -18.29
N ASN A 112 12.08 -6.46 -18.24
CA ASN A 112 11.24 -7.52 -18.82
C ASN A 112 10.85 -7.28 -20.26
N ALA A 113 11.14 -6.09 -20.78
CA ALA A 113 10.77 -5.72 -22.12
C ALA A 113 11.63 -6.50 -23.13
N ASN A 114 11.06 -6.81 -24.29
CA ASN A 114 11.88 -7.42 -25.35
C ASN A 114 13.06 -6.53 -25.73
N GLU A 115 12.79 -5.23 -25.86
CA GLU A 115 13.84 -4.25 -26.08
C GLU A 115 13.62 -3.07 -25.11
N PHE A 116 14.69 -2.76 -24.39
CA PHE A 116 14.72 -1.66 -23.45
C PHE A 116 15.63 -0.58 -23.99
N VAL A 117 15.03 0.55 -24.28
CA VAL A 117 15.68 1.68 -24.92
C VAL A 117 15.70 2.85 -23.95
N VAL A 118 16.88 3.32 -23.62
CA VAL A 118 17.04 4.44 -22.70
C VAL A 118 17.13 5.69 -23.57
N LEU A 119 16.46 6.75 -23.12
CA LEU A 119 16.48 8.07 -23.78
C LEU A 119 17.11 9.14 -22.89
N VAL A 120 18.20 9.74 -23.35
CA VAL A 120 18.88 10.75 -22.55
C VAL A 120 19.39 11.84 -23.46
N ASP A 121 19.58 13.01 -22.88
CA ASP A 121 20.41 14.05 -23.53
C ASP A 121 21.87 13.76 -23.15
N GLU A 122 22.82 14.38 -23.86
CA GLU A 122 24.25 14.11 -23.66
C GLU A 122 24.77 14.36 -22.25
N SER A 123 24.12 15.26 -21.50
CA SER A 123 24.57 15.57 -20.15
C SER A 123 24.50 14.40 -19.17
N LYS A 124 23.69 13.37 -19.48
CA LYS A 124 23.54 12.22 -18.58
CA LYS A 124 23.53 12.21 -18.58
C LYS A 124 24.69 11.21 -18.66
N LEU A 125 25.52 11.31 -19.70
CA LEU A 125 26.65 10.40 -19.84
C LEU A 125 27.72 10.71 -18.80
N VAL A 126 28.20 9.68 -18.11
CA VAL A 126 29.24 9.80 -17.09
C VAL A 126 30.37 8.83 -17.29
N LYS A 127 31.54 9.21 -16.78
CA LYS A 127 32.69 8.32 -16.85
C LYS A 127 32.59 7.22 -15.82
N LYS A 128 32.15 7.57 -14.61
CA LYS A 128 32.05 6.59 -13.51
C LYS A 128 30.66 6.62 -12.86
N LEU A 129 29.96 5.48 -12.85
CA LEU A 129 28.59 5.44 -12.30
C LEU A 129 28.63 5.77 -10.82
N GLY A 130 27.73 6.66 -10.39
CA GLY A 130 27.56 6.91 -8.97
C GLY A 130 28.60 7.85 -8.35
N GLU A 131 29.54 8.33 -9.15
CA GLU A 131 30.52 9.29 -8.63
CA GLU A 131 30.53 9.29 -8.64
C GLU A 131 29.81 10.57 -8.20
N LYS A 132 28.81 10.99 -8.99
CA LYS A 132 28.13 12.27 -8.79
C LYS A 132 26.62 12.19 -8.55
N PHE A 133 26.06 10.99 -8.49
CA PHE A 133 24.62 10.83 -8.26
C PHE A 133 24.40 9.67 -7.25
N PRO A 134 23.52 9.86 -6.24
CA PRO A 134 23.29 8.78 -5.28
C PRO A 134 22.34 7.74 -5.82
N ILE A 135 22.43 6.54 -5.29
CA ILE A 135 21.55 5.42 -5.69
C ILE A 135 20.22 5.49 -4.91
N PRO A 136 19.09 5.65 -5.62
CA PRO A 136 17.78 5.53 -4.94
C PRO A 136 17.49 4.11 -4.48
N VAL A 137 16.97 3.98 -3.27
CA VAL A 137 16.63 2.67 -2.74
C VAL A 137 15.23 2.74 -2.17
N GLU A 138 14.32 1.89 -2.66
CA GLU A 138 12.96 1.84 -2.12
C GLU A 138 12.94 0.91 -0.92
N VAL A 139 12.37 1.38 0.20
CA VAL A 139 12.49 0.71 1.48
CA VAL A 139 12.45 0.63 1.42
C VAL A 139 11.14 0.59 2.18
N ILE A 140 10.84 -0.61 2.71
CA ILE A 140 9.68 -0.87 3.56
C ILE A 140 9.77 0.08 4.76
N PRO A 141 8.70 0.89 4.99
CA PRO A 141 8.85 1.95 5.98
C PRO A 141 9.33 1.48 7.36
N SER A 142 8.84 0.33 7.82
CA SER A 142 9.27 -0.19 9.12
C SER A 142 10.78 -0.48 9.17
N ALA A 143 11.44 -0.58 8.00
CA ALA A 143 12.84 -0.97 7.93
C ALA A 143 13.82 0.17 7.69
N TYR A 144 13.36 1.41 7.69
CA TYR A 144 14.22 2.47 7.18
C TYR A 144 15.50 2.57 8.04
N ARG A 145 15.38 2.46 9.36
CA ARG A 145 16.58 2.65 10.21
C ARG A 145 17.61 1.56 9.97
N VAL A 146 17.16 0.32 9.93
CA VAL A 146 18.07 -0.81 9.73
C VAL A 146 18.64 -0.89 8.31
N VAL A 147 17.88 -0.44 7.31
CA VAL A 147 18.43 -0.32 5.95
C VAL A 147 19.50 0.76 5.87
N ILE A 148 19.24 1.92 6.47
CA ILE A 148 20.28 2.98 6.56
C ILE A 148 21.55 2.40 7.20
N ARG A 149 21.41 1.64 8.28
CA ARG A 149 22.57 0.97 8.92
C ARG A 149 23.30 0.04 7.98
N ALA A 150 22.57 -0.85 7.30
CA ALA A 150 23.18 -1.76 6.35
C ALA A 150 23.93 -1.03 5.22
N LEU A 151 23.32 0.02 4.68
CA LEU A 151 23.95 0.77 3.59
C LEU A 151 25.19 1.51 4.10
N SER A 152 25.10 2.06 5.31
CA SER A 152 26.25 2.75 5.92
CA SER A 152 26.24 2.75 5.96
C SER A 152 27.39 1.75 6.14
N GLU A 153 27.05 0.55 6.59
CA GLU A 153 28.06 -0.49 6.84
C GLU A 153 28.71 -1.02 5.56
N MET A 154 28.03 -0.85 4.44
CA MET A 154 28.60 -1.13 3.13
C MET A 154 29.47 0.01 2.60
N GLY A 155 29.55 1.11 3.36
CA GLY A 155 30.36 2.27 2.97
C GLY A 155 29.58 3.43 2.38
N GLY A 156 28.26 3.31 2.34
CA GLY A 156 27.45 4.37 1.74
C GLY A 156 27.10 5.57 2.64
N GLU A 157 26.82 6.71 2.03
CA GLU A 157 26.27 7.88 2.72
C GLU A 157 24.77 7.92 2.36
N ALA A 158 23.94 7.49 3.30
CA ALA A 158 22.51 7.24 3.02
C ALA A 158 21.65 8.25 3.74
N VAL A 159 20.69 8.82 3.00
CA VAL A 159 19.78 9.77 3.58
CA VAL A 159 19.81 9.87 3.48
C VAL A 159 18.36 9.52 3.07
N ILE A 160 17.41 9.56 4.01
CA ILE A 160 15.98 9.43 3.69
CA ILE A 160 16.01 9.39 3.63
C ILE A 160 15.52 10.63 2.89
N ARG A 161 14.82 10.41 1.78
CA ARG A 161 14.34 11.49 0.96
C ARG A 161 13.08 12.08 1.56
N LEU A 162 13.10 13.39 1.83
CA LEU A 162 11.96 14.10 2.42
C LEU A 162 11.25 14.96 1.40
N GLY A 163 9.96 15.17 1.62
CA GLY A 163 9.12 15.76 0.60
C GLY A 163 8.78 17.21 0.82
N ASP A 164 8.27 17.84 -0.24
CA ASP A 164 7.93 19.25 -0.27
C ASP A 164 6.42 19.48 -0.42
N ARG A 165 5.72 18.55 -1.08
CA ARG A 165 4.26 18.68 -1.26
CA ARG A 165 4.25 18.64 -1.28
C ARG A 165 3.51 17.70 -0.35
N LYS A 166 4.28 16.93 0.43
CA LYS A 166 3.76 16.22 1.58
CA LYS A 166 3.76 16.22 1.58
C LYS A 166 4.77 16.36 2.70
N ARG A 167 4.30 16.45 3.92
CA ARG A 167 5.20 16.54 5.04
C ARG A 167 5.80 15.16 5.29
N GLY A 168 7.10 15.13 5.55
CA GLY A 168 7.80 13.93 5.91
C GLY A 168 8.42 13.21 4.71
N PRO A 169 8.74 11.92 4.89
CA PRO A 169 9.34 11.08 3.85
C PRO A 169 8.52 11.04 2.57
N VAL A 170 9.22 11.18 1.44
CA VAL A 170 8.65 10.91 0.14
C VAL A 170 8.17 9.46 0.12
N ILE A 171 6.95 9.28 -0.36
CA ILE A 171 6.36 7.95 -0.49
C ILE A 171 6.24 7.59 -2.00
N THR A 172 6.67 6.36 -2.32
CA THR A 172 6.64 5.90 -3.70
C THR A 172 5.24 5.53 -4.18
N ASP A 173 5.11 5.27 -5.49
CA ASP A 173 3.83 4.82 -6.04
C ASP A 173 3.36 3.52 -5.37
N ASN A 174 4.30 2.74 -4.77
CA ASN A 174 4.01 1.50 -4.07
C ASN A 174 3.79 1.64 -2.55
N GLY A 175 3.85 2.88 -2.04
CA GLY A 175 3.63 3.15 -0.59
C GLY A 175 4.84 3.03 0.32
N ASN A 176 6.04 2.98 -0.26
CA ASN A 176 7.27 2.79 0.52
C ASN A 176 8.06 4.08 0.56
N MET A 177 9.09 4.10 1.39
CA MET A 177 10.01 5.23 1.51
CA MET A 177 9.99 5.25 1.47
C MET A 177 11.17 5.10 0.51
N ILE A 178 11.93 6.18 0.34
CA ILE A 178 13.13 6.19 -0.50
C ILE A 178 14.32 6.66 0.35
N ILE A 179 15.39 5.88 0.32
CA ILE A 179 16.69 6.29 0.81
C ILE A 179 17.60 6.50 -0.43
N ASP A 180 18.30 7.64 -0.47
CA ASP A 180 19.28 7.88 -1.51
C ASP A 180 20.65 7.70 -0.86
N VAL A 181 21.48 6.90 -1.51
CA VAL A 181 22.79 6.53 -0.96
C VAL A 181 23.92 6.74 -1.98
N PHE A 182 24.86 7.62 -1.61
CA PHE A 182 26.11 7.75 -2.36
C PHE A 182 27.03 6.59 -2.03
N MET A 183 27.50 5.91 -3.08
CA MET A 183 28.42 4.78 -2.95
C MET A 183 29.50 4.84 -3.99
N ASN A 184 30.63 4.21 -3.66
CA ASN A 184 31.71 3.97 -4.56
C ASN A 184 31.40 2.65 -5.27
N ILE A 185 30.90 2.75 -6.49
CA ILE A 185 30.42 1.57 -7.20
C ILE A 185 31.59 0.92 -7.95
N ASP A 186 32.12 -0.14 -7.37
CA ASP A 186 33.21 -0.90 -7.98
C ASP A 186 32.60 -1.84 -9.02
N ASP A 187 31.68 -2.69 -8.59
CA ASP A 187 31.07 -3.70 -9.44
C ASP A 187 29.54 -3.45 -9.42
N ALA A 188 29.00 -2.79 -10.44
CA ALA A 188 27.60 -2.36 -10.40
C ALA A 188 26.61 -3.57 -10.35
N ILE A 189 26.92 -4.62 -11.11
CA ILE A 189 26.07 -5.81 -11.16
C ILE A 189 25.95 -6.44 -9.78
N GLU A 190 27.09 -6.58 -9.11
CA GLU A 190 27.13 -7.16 -7.78
C GLU A 190 26.51 -6.23 -6.74
N LEU A 191 26.72 -4.93 -6.86
CA LEU A 191 26.16 -3.98 -5.85
C LEU A 191 24.63 -3.95 -5.90
N GLU A 192 24.11 -3.92 -7.13
CA GLU A 192 22.66 -4.01 -7.37
C GLU A 192 22.08 -5.21 -6.61
N LYS A 193 22.74 -6.37 -6.79
CA LYS A 193 22.36 -7.64 -6.16
CA LYS A 193 22.35 -7.63 -6.15
C LYS A 193 22.41 -7.54 -4.64
N GLU A 194 23.51 -7.01 -4.13
CA GLU A 194 23.70 -6.97 -2.66
C GLU A 194 22.70 -5.97 -2.00
N ILE A 195 22.46 -4.84 -2.65
CA ILE A 195 21.52 -3.85 -2.07
C ILE A 195 20.13 -4.50 -2.00
N ASN A 196 19.75 -5.21 -3.05
CA ASN A 196 18.43 -5.87 -3.07
C ASN A 196 18.26 -6.95 -2.02
N ASN A 197 19.37 -7.53 -1.54
CA ASN A 197 19.34 -8.59 -0.55
C ASN A 197 19.37 -8.10 0.90
N ILE A 198 19.39 -6.79 1.09
CA ILE A 198 19.19 -6.20 2.42
C ILE A 198 17.70 -6.31 2.78
N PRO A 199 17.37 -6.98 3.91
CA PRO A 199 15.96 -7.03 4.33
C PRO A 199 15.33 -5.63 4.47
N GLY A 200 14.19 -5.45 3.80
CA GLY A 200 13.49 -4.18 3.82
C GLY A 200 13.71 -3.40 2.55
N VAL A 201 14.74 -3.75 1.77
CA VAL A 201 14.92 -3.16 0.45
C VAL A 201 14.04 -3.85 -0.58
N VAL A 202 13.20 -3.07 -1.24
CA VAL A 202 12.34 -3.54 -2.32
C VAL A 202 13.09 -3.59 -3.67
N GLU A 203 13.73 -2.48 -4.02
CA GLU A 203 14.45 -2.33 -5.28
C GLU A 203 15.37 -1.13 -5.18
N ASN A 204 16.41 -1.11 -6.02
CA ASN A 204 17.32 0.01 -6.12
C ASN A 204 17.51 0.50 -7.56
N GLY A 205 18.07 1.70 -7.68
CA GLY A 205 18.15 2.40 -8.91
C GLY A 205 19.31 2.06 -9.82
N ILE A 206 20.17 1.13 -9.43
CA ILE A 206 21.21 0.68 -10.36
C ILE A 206 20.54 -0.21 -11.44
N PHE A 207 20.76 0.08 -12.71
CA PHE A 207 20.25 -0.76 -13.82
C PHE A 207 21.44 -1.25 -14.60
N THR A 208 21.53 -2.55 -14.78
CA THR A 208 22.68 -3.17 -15.47
C THR A 208 22.24 -3.99 -16.69
N LYS A 209 20.96 -3.87 -17.10
CA LYS A 209 20.48 -4.48 -18.32
C LYS A 209 19.87 -3.42 -19.19
N VAL A 210 20.35 -3.31 -20.43
CA VAL A 210 19.85 -2.32 -21.38
CA VAL A 210 19.89 -2.30 -21.37
C VAL A 210 20.12 -2.86 -22.78
N ASP A 211 19.23 -2.53 -23.71
CA ASP A 211 19.45 -2.93 -25.11
C ASP A 211 20.18 -1.85 -25.87
N LYS A 212 19.71 -0.62 -25.75
CA LYS A 212 20.43 0.48 -26.37
C LYS A 212 20.10 1.79 -25.68
N VAL A 213 20.94 2.79 -25.91
CA VAL A 213 20.79 4.12 -25.31
C VAL A 213 20.79 5.12 -26.47
N LEU A 214 19.70 5.87 -26.64
CA LEU A 214 19.66 6.97 -27.59
C LEU A 214 20.06 8.23 -26.84
N VAL A 215 20.99 8.98 -27.44
CA VAL A 215 21.57 10.14 -26.82
C VAL A 215 21.37 11.34 -27.71
N GLY A 216 20.68 12.35 -27.16
CA GLY A 216 20.46 13.58 -27.91
C GLY A 216 21.69 14.45 -27.75
N THR A 217 22.29 14.84 -28.88
CA THR A 217 23.44 15.72 -28.94
C THR A 217 23.12 16.87 -29.93
N LYS A 218 23.94 17.89 -29.93
CA LYS A 218 23.68 19.02 -30.81
C LYS A 218 23.69 18.64 -32.28
N LYS A 219 24.50 17.65 -32.65
CA LYS A 219 24.57 17.19 -34.05
C LYS A 219 23.59 16.07 -34.40
N GLY A 220 22.80 15.61 -33.43
CA GLY A 220 21.74 14.64 -33.73
C GLY A 220 21.69 13.57 -32.67
N VAL A 221 20.94 12.53 -32.92
CA VAL A 221 20.78 11.46 -31.94
C VAL A 221 21.71 10.30 -32.28
N LYS A 222 22.55 9.94 -31.33
CA LYS A 222 23.37 8.77 -31.46
C LYS A 222 22.82 7.62 -30.63
N THR A 223 23.08 6.44 -31.14
CA THR A 223 22.64 5.18 -30.55
C THR A 223 23.84 4.44 -30.02
N LEU A 224 23.87 4.19 -28.70
CA LEU A 224 24.91 3.41 -28.06
C LEU A 224 24.44 2.00 -27.74
N LYS A 225 25.22 0.99 -28.11
CA LYS A 225 24.89 -0.39 -27.70
C LYS A 225 26.10 -1.30 -27.54
N LYS A 226 25.96 -2.25 -26.62
CA LYS A 226 26.93 -3.30 -26.23
C LYS A 226 27.56 -2.98 -24.87
N SER B 2 7.84 32.82 7.55
CA SER B 2 6.39 32.51 7.61
C SER B 2 5.93 32.34 9.06
N ASN B 3 5.92 33.46 9.76
CA ASN B 3 5.36 33.61 11.13
C ASN B 3 5.96 32.69 12.21
N GLU B 4 7.25 32.41 12.07
CA GLU B 4 7.92 31.43 12.90
C GLU B 4 7.87 31.78 14.39
N ASP B 5 8.06 33.05 14.73
CA ASP B 5 8.02 33.41 16.16
C ASP B 5 6.62 33.26 16.74
N LEU B 6 5.60 33.52 15.91
CA LEU B 6 4.20 33.31 16.32
C LEU B 6 3.88 31.84 16.53
N LYS B 7 4.38 30.99 15.65
CA LYS B 7 4.24 29.54 15.80
C LYS B 7 4.93 29.06 17.08
N LEU B 8 6.10 29.61 17.36
CA LEU B 8 6.85 29.19 18.53
C LEU B 8 6.10 29.54 19.80
N LYS B 9 5.53 30.74 19.84
CA LYS B 9 4.87 31.19 21.07
C LYS B 9 3.63 30.36 21.36
N VAL B 10 2.90 29.95 20.32
CA VAL B 10 1.72 29.10 20.50
CA VAL B 10 1.72 29.10 20.53
C VAL B 10 2.14 27.72 20.98
N ALA B 11 3.22 27.19 20.37
CA ALA B 11 3.74 25.87 20.78
C ALA B 11 4.13 25.89 22.26
N LYS B 12 4.78 26.96 22.71
CA LYS B 12 5.22 27.08 24.12
C LYS B 12 4.02 27.16 25.11
N GLU B 13 2.96 27.84 24.70
CA GLU B 13 1.76 27.94 25.50
C GLU B 13 0.98 26.62 25.47
N ALA B 14 0.91 25.98 24.29
CA ALA B 14 0.18 24.71 24.15
C ALA B 14 0.73 23.62 25.06
N VAL B 15 2.06 23.53 25.14
CA VAL B 15 2.71 22.47 25.91
C VAL B 15 2.37 22.53 27.41
N LYS B 16 2.03 23.70 27.92
CA LYS B 16 1.58 23.84 29.33
C LYS B 16 0.29 23.07 29.65
N LEU B 17 -0.48 22.76 28.61
CA LEU B 17 -1.75 22.07 28.74
C LEU B 17 -1.58 20.56 28.98
N VAL B 18 -0.38 20.05 28.70
CA VAL B 18 -0.08 18.63 28.90
C VAL B 18 0.09 18.36 30.39
N LYS B 19 -0.54 17.29 30.86
CA LYS B 19 -0.36 16.82 32.22
C LYS B 19 0.27 15.43 32.29
N ASP B 20 0.99 15.18 33.39
CA ASP B 20 1.67 13.92 33.59
C ASP B 20 0.68 12.77 33.46
N GLY B 21 1.11 11.71 32.78
CA GLY B 21 0.26 10.55 32.60
C GLY B 21 -0.62 10.56 31.36
N MET B 22 -0.60 11.64 30.60
CA MET B 22 -1.45 11.75 29.44
C MET B 22 -0.84 11.02 28.24
N VAL B 23 -1.73 10.62 27.35
CA VAL B 23 -1.39 10.22 25.99
C VAL B 23 -1.77 11.37 25.06
N ILE B 24 -0.80 11.84 24.27
CA ILE B 24 -0.97 13.05 23.48
C ILE B 24 -0.85 12.77 22.00
N GLY B 25 -1.81 13.30 21.24
CA GLY B 25 -1.78 13.23 19.77
C GLY B 25 -0.82 14.24 19.21
N LEU B 26 0.12 13.76 18.38
CA LEU B 26 1.21 14.56 17.83
C LEU B 26 0.88 14.89 16.38
N GLY B 27 0.54 16.14 16.16
CA GLY B 27 0.15 16.64 14.86
C GLY B 27 1.29 16.73 13.86
N THR B 28 0.92 17.20 12.67
CA THR B 28 1.80 17.28 11.51
C THR B 28 1.86 18.72 10.97
N GLY B 29 3.03 19.12 10.45
CA GLY B 29 3.25 20.48 9.96
C GLY B 29 4.22 21.28 10.81
N SER B 30 4.59 22.45 10.32
CA SER B 30 5.61 23.29 10.97
C SER B 30 5.28 23.69 12.42
N THR B 31 4.03 24.09 12.65
CA THR B 31 3.59 24.51 13.99
C THR B 31 3.54 23.32 14.97
N ALA B 32 2.97 22.20 14.52
CA ALA B 32 2.98 21.00 15.32
C ALA B 32 4.40 20.50 15.63
N ALA B 33 5.31 20.59 14.65
CA ALA B 33 6.69 20.18 14.85
C ALA B 33 7.36 20.96 16.02
N LEU B 34 7.09 22.27 16.09
CA LEU B 34 7.55 23.10 17.21
C LEU B 34 6.97 22.63 18.55
N PHE B 35 5.68 22.27 18.52
CA PHE B 35 5.02 21.70 19.68
C PHE B 35 5.68 20.39 20.12
N ILE B 36 6.00 19.52 19.14
CA ILE B 36 6.62 18.26 19.45
C ILE B 36 7.97 18.48 20.14
N ARG B 37 8.76 19.43 19.63
CA ARG B 37 10.03 19.82 20.26
C ARG B 37 9.83 20.29 21.71
N GLU B 38 8.85 21.15 21.91
CA GLU B 38 8.55 21.63 23.26
C GLU B 38 8.14 20.51 24.20
N LEU B 39 7.30 19.58 23.70
CA LEU B 39 6.85 18.45 24.49
C LEU B 39 8.03 17.57 24.88
N GLY B 40 8.89 17.27 23.92
CA GLY B 40 10.06 16.43 24.18
C GLY B 40 10.94 17.04 25.26
N ASN B 41 11.13 18.35 25.17
CA ASN B 41 11.87 19.10 26.18
CA ASN B 41 11.90 19.07 26.18
C ASN B 41 11.21 18.99 27.54
N ARG B 42 9.89 19.21 27.57
CA ARG B 42 9.17 19.17 28.85
C ARG B 42 9.16 17.78 29.51
N ILE B 43 9.02 16.73 28.71
CA ILE B 43 9.07 15.35 29.20
C ILE B 43 10.44 15.05 29.86
N ARG B 44 11.52 15.46 29.20
CA ARG B 44 12.87 15.25 29.72
CA ARG B 44 12.88 15.27 29.70
C ARG B 44 13.10 16.07 30.99
N GLU B 45 12.81 17.37 30.91
CA GLU B 45 13.14 18.29 31.99
CA GLU B 45 13.12 18.30 31.99
C GLU B 45 12.33 18.01 33.27
N GLU B 46 11.06 17.64 33.13
CA GLU B 46 10.22 17.38 34.32
C GLU B 46 10.01 15.90 34.63
N GLU B 47 10.70 15.03 33.88
CA GLU B 47 10.56 13.60 34.04
C GLU B 47 9.10 13.17 34.07
N LEU B 48 8.36 13.64 33.07
CA LEU B 48 6.98 13.23 32.89
C LEU B 48 6.88 11.83 32.31
N THR B 49 5.78 11.16 32.62
CA THR B 49 5.39 9.90 31.99
C THR B 49 4.25 10.24 31.06
N VAL B 50 4.62 10.58 29.83
CA VAL B 50 3.67 10.99 28.79
C VAL B 50 4.04 10.21 27.55
N PHE B 51 3.04 9.75 26.81
CA PHE B 51 3.27 9.02 25.56
C PHE B 51 2.65 9.81 24.42
N GLY B 52 3.17 9.61 23.23
CA GLY B 52 2.66 10.26 22.03
C GLY B 52 2.11 9.26 21.05
N ILE B 53 1.07 9.68 20.33
CA ILE B 53 0.53 8.93 19.19
C ILE B 53 0.68 9.84 17.95
N PRO B 54 1.44 9.39 16.93
CA PRO B 54 1.77 10.23 15.80
C PRO B 54 0.69 10.27 14.69
N THR B 55 0.59 11.39 13.98
CA THR B 55 -0.40 11.49 12.91
C THR B 55 0.24 11.35 11.53
N SER B 56 1.54 11.03 11.51
CA SER B 56 2.28 10.92 10.27
C SER B 56 3.63 10.27 10.55
N PHE B 57 4.30 9.83 9.49
CA PHE B 57 5.68 9.42 9.57
C PHE B 57 6.53 10.61 10.08
N GLU B 58 6.23 11.82 9.64
CA GLU B 58 6.99 13.00 10.13
C GLU B 58 6.91 13.08 11.67
N ALA B 59 5.68 13.01 12.18
CA ALA B 59 5.47 13.17 13.62
C ALA B 59 6.16 12.02 14.36
N LYS B 60 6.14 10.81 13.79
CA LYS B 60 6.82 9.67 14.40
C LYS B 60 8.34 9.90 14.47
N MET B 61 8.91 10.38 13.36
CA MET B 61 10.34 10.66 13.25
C MET B 61 10.80 11.77 14.20
N LEU B 62 9.99 12.82 14.30
CA LEU B 62 10.27 13.91 15.21
C LEU B 62 10.18 13.45 16.67
N ALA B 63 9.18 12.62 17.00
CA ALA B 63 9.02 12.10 18.35
C ALA B 63 10.26 11.32 18.77
N MET B 64 10.73 10.48 17.88
CA MET B 64 11.90 9.67 18.13
CA MET B 64 11.92 9.66 18.10
C MET B 64 13.10 10.59 18.37
N GLN B 65 13.24 11.62 17.55
CA GLN B 65 14.35 12.55 17.69
C GLN B 65 14.35 13.26 19.06
N TYR B 66 13.15 13.61 19.56
CA TYR B 66 13.03 14.37 20.80
C TYR B 66 12.68 13.43 21.96
N GLU B 67 12.85 12.13 21.72
CA GLU B 67 12.74 11.06 22.70
C GLU B 67 11.38 11.03 23.43
N ILE B 68 10.29 11.27 22.70
CA ILE B 68 8.94 11.06 23.22
C ILE B 68 8.56 9.58 22.97
N PRO B 69 8.25 8.82 24.05
CA PRO B 69 7.80 7.43 23.89
C PRO B 69 6.54 7.35 23.07
N LEU B 70 6.48 6.42 22.14
CA LEU B 70 5.40 6.37 21.17
C LEU B 70 4.51 5.17 21.43
N VAL B 71 3.20 5.38 21.35
CA VAL B 71 2.25 4.27 21.35
C VAL B 71 1.34 4.46 20.13
N THR B 72 0.40 3.52 19.97
CA THR B 72 -0.55 3.51 18.87
C THR B 72 -1.98 3.68 19.38
N LEU B 73 -2.78 4.29 18.52
CA LEU B 73 -4.21 4.45 18.77
C LEU B 73 -4.89 3.09 18.91
N ASP B 74 -4.37 2.04 18.27
CA ASP B 74 -5.00 0.72 18.45
C ASP B 74 -4.86 0.19 19.85
N GLU B 75 -3.89 0.72 20.59
CA GLU B 75 -3.62 0.36 21.99
C GLU B 75 -4.23 1.32 23.01
N TYR B 76 -4.16 2.63 22.77
CA TYR B 76 -4.49 3.66 23.75
C TYR B 76 -5.39 4.73 23.16
N ASP B 77 -6.26 5.29 24.00
CA ASP B 77 -6.96 6.53 23.67
C ASP B 77 -6.07 7.74 23.89
N VAL B 78 -6.44 8.82 23.21
CA VAL B 78 -5.71 10.09 23.29
C VAL B 78 -6.45 11.04 24.21
N ASP B 79 -5.73 11.57 25.19
CA ASP B 79 -6.26 12.62 26.08
C ASP B 79 -6.42 13.95 25.37
N ILE B 80 -5.34 14.47 24.80
CA ILE B 80 -5.40 15.71 24.06
C ILE B 80 -4.63 15.48 22.76
N ALA B 81 -5.24 15.86 21.63
CA ALA B 81 -4.55 15.84 20.34
C ALA B 81 -4.23 17.28 19.99
N PHE B 82 -2.96 17.53 19.67
CA PHE B 82 -2.54 18.83 19.17
C PHE B 82 -2.19 18.72 17.68
N ASP B 83 -2.70 19.67 16.91
CA ASP B 83 -2.46 19.70 15.47
C ASP B 83 -2.55 21.10 14.89
N GLY B 84 -1.99 21.27 13.69
CA GLY B 84 -2.07 22.53 12.95
C GLY B 84 -3.27 22.60 12.04
N ALA B 85 -3.34 23.66 11.24
CA ALA B 85 -4.43 23.86 10.29
C ALA B 85 -3.97 24.80 9.19
N ASP B 86 -4.49 24.60 7.98
CA ASP B 86 -4.22 25.46 6.86
C ASP B 86 -5.15 26.69 6.92
N GLU B 87 -6.41 26.48 7.35
CA GLU B 87 -7.37 27.58 7.52
C GLU B 87 -8.17 27.30 8.76
N VAL B 88 -8.50 28.36 9.50
CA VAL B 88 -9.44 28.27 10.63
C VAL B 88 -10.49 29.34 10.37
N GLU B 89 -11.74 28.94 10.12
CA GLU B 89 -12.81 29.89 9.90
C GLU B 89 -13.18 30.57 11.24
N GLU B 90 -13.13 31.90 11.28
CA GLU B 90 -13.22 32.62 12.57
C GLU B 90 -14.46 32.33 13.41
N THR B 91 -15.62 32.34 12.77
CA THR B 91 -16.87 32.27 13.52
C THR B 91 -17.31 30.87 13.92
N THR B 92 -16.78 29.84 13.26
CA THR B 92 -17.25 28.46 13.45
C THR B 92 -16.14 27.56 14.04
N LEU B 93 -14.88 27.98 13.87
CA LEU B 93 -13.70 27.18 14.17
C LEU B 93 -13.59 25.89 13.28
N PHE B 94 -14.34 25.85 12.20
CA PHE B 94 -14.13 24.79 11.20
C PHE B 94 -12.72 25.02 10.60
N LEU B 95 -12.10 23.94 10.12
CA LEU B 95 -10.76 24.01 9.59
C LEU B 95 -10.68 23.38 8.20
N ILE B 96 -9.66 23.79 7.47
CA ILE B 96 -9.11 22.95 6.39
C ILE B 96 -7.71 22.52 6.81
N LYS B 97 -7.46 21.21 6.68
CA LYS B 97 -6.18 20.60 6.95
C LYS B 97 -5.80 19.75 5.75
N GLY B 98 -4.57 19.27 5.72
CA GLY B 98 -4.09 18.42 4.62
C GLY B 98 -3.19 19.08 3.61
N GLY B 99 -2.89 20.37 3.81
CA GLY B 99 -1.80 21.00 3.10
C GLY B 99 -0.55 20.14 3.01
N GLY B 100 -0.24 19.44 4.09
CA GLY B 100 0.92 18.57 4.17
C GLY B 100 0.65 17.12 3.78
N GLY B 101 -0.55 16.85 3.31
CA GLY B 101 -0.90 15.54 2.75
C GLY B 101 -1.19 14.45 3.79
N CYS B 102 -1.33 14.83 5.06
CA CYS B 102 -1.52 13.88 6.16
C CYS B 102 -2.87 13.97 6.90
N HIS B 103 -3.87 14.54 6.26
CA HIS B 103 -5.16 14.77 6.90
C HIS B 103 -5.89 13.50 7.36
N THR B 104 -5.68 12.39 6.66
CA THR B 104 -6.43 11.16 7.04
C THR B 104 -6.04 10.62 8.43
N GLN B 105 -4.76 10.35 8.64
CA GLN B 105 -4.28 9.95 9.95
C GLN B 105 -4.51 11.07 11.00
N GLU B 106 -4.41 12.32 10.58
CA GLU B 106 -4.70 13.44 11.49
C GLU B 106 -6.15 13.37 11.99
N LYS B 107 -7.08 13.14 11.10
CA LYS B 107 -8.48 13.09 11.49
C LYS B 107 -8.78 11.87 12.36
N ILE B 108 -8.17 10.73 12.03
CA ILE B 108 -8.31 9.52 12.83
C ILE B 108 -7.93 9.79 14.29
N VAL B 109 -6.81 10.47 14.51
CA VAL B 109 -6.36 10.78 15.86
C VAL B 109 -7.19 11.93 16.46
N ASP B 110 -7.31 13.03 15.73
CA ASP B 110 -7.87 14.28 16.26
C ASP B 110 -9.34 14.16 16.65
N TYR B 111 -10.14 13.48 15.81
CA TYR B 111 -11.57 13.28 16.08
C TYR B 111 -11.79 12.28 17.22
N ASN B 112 -10.80 11.43 17.47
CA ASN B 112 -10.95 10.42 18.48
C ASN B 112 -10.41 10.85 19.85
N ALA B 113 -9.74 11.99 19.90
CA ALA B 113 -9.17 12.50 21.15
C ALA B 113 -10.26 12.99 22.10
N ASN B 114 -10.00 12.87 23.41
CA ASN B 114 -10.92 13.48 24.38
C ASN B 114 -11.02 14.99 24.16
N GLU B 115 -9.91 15.61 23.82
CA GLU B 115 -9.88 17.02 23.52
C GLU B 115 -8.98 17.24 22.29
N PHE B 116 -9.48 18.01 21.33
CA PHE B 116 -8.71 18.34 20.12
C PHE B 116 -8.37 19.83 20.13
N VAL B 117 -7.08 20.12 20.21
CA VAL B 117 -6.57 21.50 20.27
C VAL B 117 -5.79 21.82 18.95
N VAL B 118 -6.18 22.90 18.27
CA VAL B 118 -5.52 23.34 17.04
C VAL B 118 -4.55 24.48 17.41
N LEU B 119 -3.38 24.50 16.76
CA LEU B 119 -2.34 25.53 17.00
C LEU B 119 -2.05 26.23 15.71
N VAL B 120 -2.28 27.52 15.69
CA VAL B 120 -2.04 28.32 14.51
C VAL B 120 -1.44 29.68 14.86
N ASP B 121 -0.72 30.25 13.90
CA ASP B 121 -0.46 31.68 13.92
C ASP B 121 -1.66 32.44 13.34
N GLU B 122 -1.74 33.72 13.65
CA GLU B 122 -2.87 34.54 13.24
C GLU B 122 -3.18 34.54 11.74
N SER B 123 -2.18 34.30 10.89
CA SER B 123 -2.41 34.35 9.44
C SER B 123 -3.33 33.23 8.94
N LYS B 124 -3.50 32.16 9.74
CA LYS B 124 -4.40 31.06 9.34
C LYS B 124 -5.89 31.37 9.52
N LEU B 125 -6.24 32.45 10.24
CA LEU B 125 -7.64 32.81 10.43
C LEU B 125 -8.20 33.38 9.15
N VAL B 126 -9.36 32.88 8.76
CA VAL B 126 -10.11 33.34 7.60
C VAL B 126 -11.59 33.62 7.92
N LYS B 127 -12.21 34.50 7.13
CA LYS B 127 -13.61 34.80 7.29
C LYS B 127 -14.51 33.70 6.73
N LYS B 128 -14.06 33.10 5.62
CA LYS B 128 -14.86 32.10 4.92
C LYS B 128 -14.00 30.89 4.57
N LEU B 129 -14.34 29.74 5.14
CA LEU B 129 -13.60 28.49 4.86
C LEU B 129 -13.63 28.14 3.36
N GLY B 130 -12.46 27.80 2.80
CA GLY B 130 -12.36 27.30 1.43
C GLY B 130 -12.44 28.36 0.33
N GLU B 131 -12.50 29.64 0.70
CA GLU B 131 -12.49 30.72 -0.25
C GLU B 131 -11.13 30.80 -0.94
N LYS B 132 -10.07 30.72 -0.14
CA LYS B 132 -8.73 30.89 -0.66
C LYS B 132 -7.84 29.63 -0.64
N PHE B 133 -8.38 28.49 -0.20
CA PHE B 133 -7.58 27.30 -0.01
C PHE B 133 -8.41 26.10 -0.47
N PRO B 134 -7.79 25.17 -1.23
CA PRO B 134 -8.56 23.98 -1.68
C PRO B 134 -8.68 22.94 -0.59
N ILE B 135 -9.67 22.08 -0.70
CA ILE B 135 -9.86 20.98 0.22
C ILE B 135 -9.01 19.80 -0.24
N PRO B 136 -8.04 19.36 0.57
CA PRO B 136 -7.40 18.08 0.21
C PRO B 136 -8.30 16.87 0.34
N VAL B 137 -8.18 15.96 -0.62
CA VAL B 137 -8.98 14.77 -0.64
C VAL B 137 -8.05 13.57 -0.91
N GLU B 138 -8.03 12.59 -0.01
CA GLU B 138 -7.22 11.37 -0.22
C GLU B 138 -8.04 10.34 -1.01
N VAL B 139 -7.46 9.82 -2.09
CA VAL B 139 -8.18 9.05 -3.11
CA VAL B 139 -8.19 9.03 -3.07
C VAL B 139 -7.45 7.76 -3.46
N ILE B 140 -8.19 6.65 -3.47
CA ILE B 140 -7.72 5.34 -3.95
C ILE B 140 -7.23 5.54 -5.40
N PRO B 141 -5.97 5.18 -5.73
CA PRO B 141 -5.41 5.53 -7.05
C PRO B 141 -6.22 5.07 -8.28
N SER B 142 -6.89 3.92 -8.18
CA SER B 142 -7.69 3.44 -9.28
C SER B 142 -8.90 4.34 -9.57
N ALA B 143 -9.28 5.19 -8.59
CA ALA B 143 -10.48 6.01 -8.61
C ALA B 143 -10.22 7.48 -8.94
N TYR B 144 -8.99 7.85 -9.33
CA TYR B 144 -8.74 9.30 -9.43
CA TYR B 144 -8.62 9.25 -9.58
C TYR B 144 -9.60 9.95 -10.51
N ARG B 145 -9.81 9.32 -11.65
CA ARG B 145 -10.62 9.95 -12.68
C ARG B 145 -12.07 10.11 -12.26
N VAL B 146 -12.65 9.05 -11.71
CA VAL B 146 -14.08 9.11 -11.31
C VAL B 146 -14.31 10.01 -10.08
N VAL B 147 -13.28 10.17 -9.25
CA VAL B 147 -13.38 11.09 -8.10
C VAL B 147 -13.27 12.55 -8.60
N ILE B 148 -12.34 12.81 -9.52
CA ILE B 148 -12.30 14.14 -10.17
C ILE B 148 -13.68 14.46 -10.79
N ARG B 149 -14.25 13.50 -11.49
CA ARG B 149 -15.59 13.66 -12.05
C ARG B 149 -16.64 14.02 -10.98
N ALA B 150 -16.70 13.24 -9.90
CA ALA B 150 -17.69 13.44 -8.85
C ALA B 150 -17.56 14.81 -8.19
N LEU B 151 -16.31 15.21 -7.95
CA LEU B 151 -16.04 16.51 -7.33
C LEU B 151 -16.43 17.64 -8.27
N SER B 152 -16.19 17.44 -9.57
CA SER B 152 -16.55 18.43 -10.59
C SER B 152 -18.06 18.55 -10.72
N GLU B 153 -18.77 17.41 -10.68
CA GLU B 153 -20.24 17.43 -10.67
C GLU B 153 -20.78 18.22 -9.44
N MET B 154 -20.08 18.15 -8.31
CA MET B 154 -20.48 18.88 -7.10
C MET B 154 -20.17 20.37 -7.17
N GLY B 155 -19.57 20.84 -8.26
CA GLY B 155 -19.20 22.24 -8.42
C GLY B 155 -17.76 22.61 -8.12
N GLY B 156 -16.92 21.59 -7.94
CA GLY B 156 -15.56 21.79 -7.51
C GLY B 156 -14.62 21.92 -8.69
N GLU B 157 -13.49 22.57 -8.43
CA GLU B 157 -12.36 22.58 -9.34
C GLU B 157 -11.27 21.70 -8.73
N ALA B 158 -11.11 20.50 -9.27
CA ALA B 158 -10.35 19.43 -8.63
C ALA B 158 -9.09 19.16 -9.44
N VAL B 159 -7.95 19.11 -8.77
CA VAL B 159 -6.69 18.89 -9.46
C VAL B 159 -5.80 17.94 -8.65
N ILE B 160 -5.20 16.98 -9.36
CA ILE B 160 -4.27 16.06 -8.72
C ILE B 160 -3.05 16.84 -8.22
N ARG B 161 -2.65 16.57 -7.00
CA ARG B 161 -1.46 17.19 -6.43
C ARG B 161 -0.23 16.43 -6.90
N LEU B 162 0.67 17.12 -7.60
CA LEU B 162 1.91 16.47 -8.09
C LEU B 162 3.11 16.69 -7.17
N GLY B 163 4.06 15.78 -7.17
CA GLY B 163 5.20 15.88 -6.26
C GLY B 163 6.32 16.73 -6.89
N ASP B 164 7.20 17.22 -6.04
CA ASP B 164 8.44 17.89 -6.43
CA ASP B 164 8.44 17.83 -6.54
C ASP B 164 9.68 17.06 -6.08
N ARG B 165 9.57 16.11 -5.15
CA ARG B 165 10.71 15.21 -4.88
C ARG B 165 10.47 13.75 -5.37
N LYS B 166 9.36 13.57 -6.10
CA LYS B 166 9.08 12.38 -6.90
CA LYS B 166 9.11 12.41 -6.91
C LYS B 166 8.32 12.85 -8.14
N ARG B 167 8.42 12.11 -9.21
CA ARG B 167 7.65 12.39 -10.41
C ARG B 167 6.24 11.89 -10.23
N GLY B 168 5.29 12.66 -10.76
CA GLY B 168 3.87 12.30 -10.77
C GLY B 168 3.19 12.64 -9.44
N PRO B 169 1.98 12.11 -9.23
CA PRO B 169 1.16 12.36 -8.06
C PRO B 169 1.89 12.18 -6.74
N VAL B 170 1.73 13.15 -5.85
CA VAL B 170 2.15 12.99 -4.47
C VAL B 170 1.40 11.76 -3.87
N ILE B 171 2.12 10.91 -3.13
CA ILE B 171 1.53 9.73 -2.51
C ILE B 171 1.52 9.93 -1.00
N THR B 172 0.40 9.60 -0.36
CA THR B 172 0.33 9.72 1.11
C THR B 172 1.05 8.60 1.86
N ASP B 173 1.14 8.78 3.19
CA ASP B 173 1.69 7.76 4.09
C ASP B 173 0.93 6.45 3.96
N ASN B 174 -0.31 6.53 3.48
CA ASN B 174 -1.18 5.34 3.31
C ASN B 174 -1.16 4.74 1.91
N GLY B 175 -0.37 5.34 1.03
CA GLY B 175 -0.23 4.83 -0.33
C GLY B 175 -1.26 5.32 -1.35
N ASN B 176 -2.01 6.38 -1.03
CA ASN B 176 -3.03 6.93 -1.89
C ASN B 176 -2.63 8.26 -2.50
N MET B 177 -3.43 8.74 -3.47
CA MET B 177 -3.23 10.03 -4.12
CA MET B 177 -3.16 10.03 -4.07
C MET B 177 -3.91 11.14 -3.34
N ILE B 178 -3.60 12.38 -3.69
CA ILE B 178 -4.29 13.54 -3.13
C ILE B 178 -4.82 14.40 -4.28
N ILE B 179 -6.11 14.66 -4.26
CA ILE B 179 -6.75 15.62 -5.13
C ILE B 179 -7.11 16.85 -4.27
N ASP B 180 -6.67 18.03 -4.70
CA ASP B 180 -7.06 19.27 -4.06
C ASP B 180 -8.21 19.89 -4.84
N VAL B 181 -9.29 20.23 -4.15
CA VAL B 181 -10.48 20.76 -4.81
C VAL B 181 -10.98 22.08 -4.18
N PHE B 182 -11.05 23.10 -5.02
CA PHE B 182 -11.66 24.38 -4.65
C PHE B 182 -13.15 24.27 -4.74
N MET B 183 -13.83 24.57 -3.64
CA MET B 183 -15.27 24.58 -3.58
C MET B 183 -15.77 25.81 -2.86
N ASN B 184 -16.98 26.22 -3.23
CA ASN B 184 -17.76 27.22 -2.48
C ASN B 184 -18.45 26.46 -1.38
N ILE B 185 -17.90 26.54 -0.17
CA ILE B 185 -18.37 25.77 0.99
C ILE B 185 -19.56 26.46 1.68
N ASP B 186 -20.76 25.97 1.39
CA ASP B 186 -21.99 26.48 2.03
C ASP B 186 -22.34 25.84 3.35
N ASP B 187 -22.13 24.53 3.48
CA ASP B 187 -22.37 23.83 4.72
C ASP B 187 -21.21 22.85 4.91
N ALA B 188 -20.26 23.20 5.78
CA ALA B 188 -19.00 22.45 5.91
C ALA B 188 -19.23 21.06 6.42
N ILE B 189 -20.08 20.92 7.43
CA ILE B 189 -20.40 19.64 8.03
C ILE B 189 -20.97 18.67 7.01
N GLU B 190 -21.93 19.14 6.22
CA GLU B 190 -22.52 18.32 5.17
C GLU B 190 -21.56 18.04 4.02
N LEU B 191 -20.77 19.04 3.62
CA LEU B 191 -19.80 18.80 2.52
C LEU B 191 -18.77 17.75 2.92
N GLU B 192 -18.30 17.81 4.14
CA GLU B 192 -17.34 16.81 4.65
C GLU B 192 -17.93 15.41 4.48
N LYS B 193 -19.20 15.25 4.88
CA LYS B 193 -19.91 13.97 4.75
C LYS B 193 -20.08 13.51 3.28
N GLU B 194 -20.47 14.45 2.41
CA GLU B 194 -20.74 14.12 1.01
C GLU B 194 -19.46 13.76 0.26
N ILE B 195 -18.39 14.48 0.55
CA ILE B 195 -17.11 14.14 -0.10
C ILE B 195 -16.68 12.74 0.29
N ASN B 196 -16.80 12.40 1.58
CA ASN B 196 -16.39 11.09 2.07
C ASN B 196 -17.20 9.93 1.50
N ASN B 197 -18.42 10.20 1.02
CA ASN B 197 -19.29 9.18 0.45
C ASN B 197 -19.14 8.99 -1.06
N ILE B 198 -18.18 9.70 -1.66
CA ILE B 198 -17.78 9.40 -3.04
C ILE B 198 -16.91 8.13 -3.04
N PRO B 199 -17.32 7.10 -3.82
CA PRO B 199 -16.49 5.91 -3.88
C PRO B 199 -15.09 6.23 -4.40
N GLY B 200 -14.11 5.73 -3.66
CA GLY B 200 -12.73 6.02 -3.93
C GLY B 200 -12.12 7.12 -3.06
N VAL B 201 -12.95 7.92 -2.42
CA VAL B 201 -12.47 8.92 -1.42
C VAL B 201 -12.30 8.26 -0.04
N VAL B 202 -11.09 8.38 0.51
CA VAL B 202 -10.75 7.82 1.81
C VAL B 202 -11.17 8.81 2.91
N GLU B 203 -10.74 10.05 2.76
CA GLU B 203 -10.94 11.09 3.77
C GLU B 203 -10.66 12.43 3.13
N ASN B 204 -11.24 13.49 3.69
CA ASN B 204 -10.99 14.82 3.21
C ASN B 204 -10.57 15.78 4.34
N GLY B 205 -10.00 16.90 3.92
CA GLY B 205 -9.42 17.89 4.81
C GLY B 205 -10.33 18.86 5.53
N ILE B 206 -11.64 18.82 5.28
CA ILE B 206 -12.57 19.63 6.11
C ILE B 206 -12.63 19.03 7.53
N PHE B 207 -12.38 19.83 8.56
CA PHE B 207 -12.50 19.34 9.95
C PHE B 207 -13.53 20.20 10.66
N THR B 208 -14.53 19.56 11.23
CA THR B 208 -15.65 20.26 11.86
C THR B 208 -15.84 19.98 13.35
N LYS B 209 -14.84 19.39 14.00
N LYS B 209 -14.91 19.23 13.91
CA LYS B 209 -14.94 18.99 15.43
CA LYS B 209 -14.85 19.05 15.35
C LYS B 209 -13.81 19.45 16.37
C LYS B 209 -13.51 19.63 15.75
N VAL B 210 -13.56 20.74 16.47
CA VAL B 210 -12.39 21.20 17.23
C VAL B 210 -12.93 21.64 18.60
N ASP B 211 -12.11 21.48 19.63
CA ASP B 211 -12.46 21.95 20.98
C ASP B 211 -11.95 23.36 21.20
N LYS B 212 -10.70 23.61 20.89
CA LYS B 212 -10.22 24.97 20.99
C LYS B 212 -9.10 25.21 20.01
N VAL B 213 -8.91 26.48 19.67
CA VAL B 213 -7.85 26.90 18.76
C VAL B 213 -6.98 27.92 19.48
N LEU B 214 -5.69 27.63 19.57
CA LEU B 214 -4.75 28.58 20.20
C LEU B 214 -4.13 29.36 19.06
N VAL B 215 -4.24 30.70 19.12
CA VAL B 215 -3.77 31.55 18.07
C VAL B 215 -2.58 32.42 18.53
N GLY B 216 -1.47 32.32 17.81
CA GLY B 216 -0.31 33.17 18.05
C GLY B 216 -0.49 34.52 17.38
N THR B 217 -0.49 35.58 18.18
CA THR B 217 -0.58 36.94 17.69
C THR B 217 0.64 37.73 18.19
N LYS B 218 0.94 38.87 17.55
CA LYS B 218 1.96 39.78 18.07
C LYS B 218 1.80 40.07 19.59
N LYS B 219 0.58 40.13 20.08
CA LYS B 219 0.33 40.43 21.49
C LYS B 219 0.53 39.24 22.42
N GLY B 220 0.27 38.04 21.90
CA GLY B 220 0.39 36.87 22.75
C GLY B 220 -0.31 35.69 22.11
N VAL B 221 -0.88 34.85 22.95
CA VAL B 221 -1.59 33.68 22.49
C VAL B 221 -3.01 33.82 22.97
N LYS B 222 -3.96 33.74 22.05
CA LYS B 222 -5.35 33.73 22.43
C LYS B 222 -6.06 32.41 22.12
N THR B 223 -6.92 32.00 23.04
CA THR B 223 -7.71 30.78 22.90
C THR B 223 -9.09 31.06 22.32
N LEU B 224 -9.41 30.43 21.20
CA LEU B 224 -10.73 30.57 20.62
C LEU B 224 -11.49 29.30 20.91
N LYS B 225 -12.67 29.42 21.52
CA LYS B 225 -13.51 28.25 21.73
CA LYS B 225 -13.50 28.25 21.75
C LYS B 225 -14.96 28.64 21.88
N LYS B 226 -15.82 27.73 21.41
CA LYS B 226 -17.28 27.74 21.47
C LYS B 226 -18.00 28.13 20.16
N SER C 2 -24.37 -25.05 -3.22
CA SER C 2 -24.07 -23.62 -3.45
C SER C 2 -24.63 -23.17 -4.80
N ASN C 3 -25.69 -23.84 -5.27
CA ASN C 3 -26.54 -23.32 -6.38
C ASN C 3 -25.83 -23.04 -7.70
N GLU C 4 -24.88 -23.89 -8.05
CA GLU C 4 -24.02 -23.66 -9.20
C GLU C 4 -24.78 -23.66 -10.52
N ASP C 5 -25.82 -24.50 -10.60
CA ASP C 5 -26.68 -24.48 -11.79
C ASP C 5 -27.34 -23.11 -12.00
N LEU C 6 -27.82 -22.50 -10.92
CA LEU C 6 -28.54 -21.22 -11.02
C LEU C 6 -27.55 -20.08 -11.31
N LYS C 7 -26.36 -20.17 -10.72
CA LYS C 7 -25.27 -19.20 -11.01
C LYS C 7 -24.79 -19.30 -12.46
N LEU C 8 -24.61 -20.51 -12.96
CA LEU C 8 -24.26 -20.70 -14.38
C LEU C 8 -25.35 -20.16 -15.30
N LYS C 9 -26.61 -20.40 -14.93
CA LYS C 9 -27.74 -19.94 -15.74
C LYS C 9 -27.79 -18.41 -15.90
N VAL C 10 -27.56 -17.70 -14.78
CA VAL C 10 -27.60 -16.24 -14.80
CA VAL C 10 -27.59 -16.24 -14.81
C VAL C 10 -26.41 -15.71 -15.59
N ALA C 11 -25.24 -16.35 -15.44
CA ALA C 11 -24.04 -15.94 -16.16
C ALA C 11 -24.26 -16.04 -17.68
N LYS C 12 -24.80 -17.17 -18.11
CA LYS C 12 -25.14 -17.38 -19.53
C LYS C 12 -26.14 -16.38 -20.10
N GLU C 13 -27.12 -15.98 -19.31
CA GLU C 13 -28.09 -14.97 -19.76
C GLU C 13 -27.45 -13.59 -19.76
N ALA C 14 -26.66 -13.29 -18.72
CA ALA C 14 -26.03 -11.97 -18.60
C ALA C 14 -25.10 -11.67 -19.76
N VAL C 15 -24.36 -12.67 -20.23
CA VAL C 15 -23.37 -12.43 -21.27
C VAL C 15 -23.98 -11.97 -22.58
N LYS C 16 -25.28 -12.30 -22.78
CA LYS C 16 -26.03 -11.84 -23.96
C LYS C 16 -26.18 -10.32 -24.06
N LEU C 17 -26.10 -9.65 -22.91
CA LEU C 17 -26.24 -8.22 -22.87
C LEU C 17 -25.01 -7.51 -23.43
N VAL C 18 -23.88 -8.20 -23.49
CA VAL C 18 -22.64 -7.57 -24.00
C VAL C 18 -22.71 -7.31 -25.51
N LYS C 19 -22.31 -6.10 -25.90
CA LYS C 19 -22.29 -5.72 -27.30
CA LYS C 19 -22.30 -5.70 -27.30
C LYS C 19 -20.88 -5.40 -27.74
N ASP C 20 -20.59 -5.68 -29.01
CA ASP C 20 -19.29 -5.42 -29.57
C ASP C 20 -18.86 -3.98 -29.27
N GLY C 21 -17.59 -3.79 -28.89
CA GLY C 21 -17.07 -2.44 -28.62
C GLY C 21 -17.18 -1.97 -27.17
N MET C 22 -17.85 -2.73 -26.32
CA MET C 22 -18.10 -2.28 -24.96
C MET C 22 -16.87 -2.49 -24.09
N VAL C 23 -16.81 -1.70 -23.04
CA VAL C 23 -15.93 -1.88 -21.91
C VAL C 23 -16.80 -2.40 -20.77
N ILE C 24 -16.42 -3.56 -20.25
CA ILE C 24 -17.25 -4.31 -19.30
C ILE C 24 -16.55 -4.37 -17.92
N GLY C 25 -17.29 -4.03 -16.87
CA GLY C 25 -16.83 -4.18 -15.50
C GLY C 25 -16.89 -5.63 -15.09
N LEU C 26 -15.75 -6.15 -14.61
CA LEU C 26 -15.66 -7.53 -14.21
C LEU C 26 -15.68 -7.70 -12.68
N GLY C 27 -16.78 -8.24 -12.20
CA GLY C 27 -17.05 -8.38 -10.81
C GLY C 27 -16.24 -9.50 -10.15
N THR C 28 -16.52 -9.71 -8.87
CA THR C 28 -15.75 -10.61 -8.02
C THR C 28 -16.69 -11.61 -7.37
N GLY C 29 -16.16 -12.79 -7.08
CA GLY C 29 -16.95 -13.86 -6.46
C GLY C 29 -17.38 -14.96 -7.45
N SER C 30 -18.00 -16.02 -6.93
CA SER C 30 -18.20 -17.21 -7.74
C SER C 30 -19.12 -17.00 -8.95
N THR C 31 -20.17 -16.21 -8.76
CA THR C 31 -21.12 -15.95 -9.86
C THR C 31 -20.46 -15.08 -10.94
N ALA C 32 -19.81 -14.01 -10.51
CA ALA C 32 -19.03 -13.20 -11.41
C ALA C 32 -17.96 -14.00 -12.18
N ALA C 33 -17.29 -14.94 -11.52
CA ALA C 33 -16.24 -15.77 -12.15
C ALA C 33 -16.81 -16.54 -13.32
N LEU C 34 -17.97 -17.14 -13.10
CA LEU C 34 -18.71 -17.83 -14.19
C LEU C 34 -19.05 -16.89 -15.34
N PHE C 35 -19.48 -15.67 -15.03
CA PHE C 35 -19.70 -14.66 -16.08
C PHE C 35 -18.43 -14.32 -16.88
N ILE C 36 -17.31 -14.13 -16.17
CA ILE C 36 -16.02 -13.83 -16.81
C ILE C 36 -15.68 -14.94 -17.82
N ARG C 37 -15.91 -16.20 -17.44
CA ARG C 37 -15.66 -17.32 -18.36
C ARG C 37 -16.57 -17.25 -19.60
N GLU C 38 -17.86 -17.03 -19.38
CA GLU C 38 -18.81 -16.88 -20.50
C GLU C 38 -18.40 -15.74 -21.42
N LEU C 39 -17.99 -14.61 -20.84
CA LEU C 39 -17.56 -13.46 -21.63
C LEU C 39 -16.33 -13.81 -22.48
N GLY C 40 -15.33 -14.41 -21.86
CA GLY C 40 -14.12 -14.76 -22.60
C GLY C 40 -14.42 -15.70 -23.75
N ASN C 41 -15.31 -16.68 -23.50
CA ASN C 41 -15.75 -17.61 -24.54
CA ASN C 41 -15.82 -17.62 -24.53
C ASN C 41 -16.42 -16.87 -25.70
N ARG C 42 -17.33 -15.96 -25.38
CA ARG C 42 -18.00 -15.17 -26.38
C ARG C 42 -17.06 -14.28 -27.20
N ILE C 43 -16.12 -13.62 -26.53
CA ILE C 43 -15.18 -12.77 -27.23
C ILE C 43 -14.40 -13.57 -28.28
N ARG C 44 -13.99 -14.78 -27.89
CA ARG C 44 -13.23 -15.68 -28.74
C ARG C 44 -14.09 -16.21 -29.90
N GLU C 45 -15.19 -16.87 -29.56
CA GLU C 45 -16.06 -17.53 -30.56
C GLU C 45 -16.76 -16.53 -31.52
N GLU C 46 -16.87 -15.25 -31.14
CA GLU C 46 -17.50 -14.25 -32.00
C GLU C 46 -16.54 -13.18 -32.46
N GLU C 47 -15.28 -13.30 -32.04
CA GLU C 47 -14.24 -12.35 -32.42
C GLU C 47 -14.68 -10.90 -32.09
N LEU C 48 -15.18 -10.71 -30.87
CA LEU C 48 -15.62 -9.40 -30.40
C LEU C 48 -14.44 -8.54 -29.98
N THR C 49 -14.59 -7.23 -30.14
CA THR C 49 -13.63 -6.27 -29.63
C THR C 49 -14.23 -5.69 -28.34
N VAL C 50 -13.93 -6.35 -27.22
CA VAL C 50 -14.50 -5.99 -25.90
C VAL C 50 -13.36 -5.96 -24.92
N PHE C 51 -13.35 -4.93 -24.08
CA PHE C 51 -12.34 -4.75 -23.03
CA PHE C 51 -12.34 -4.80 -23.04
C PHE C 51 -12.99 -4.91 -21.66
N GLY C 52 -12.19 -5.32 -20.68
CA GLY C 52 -12.63 -5.41 -19.28
C GLY C 52 -11.92 -4.42 -18.36
N ILE C 53 -12.61 -4.10 -17.27
CA ILE C 53 -12.04 -3.32 -16.17
C ILE C 53 -12.33 -4.17 -14.94
N PRO C 54 -11.27 -4.59 -14.22
CA PRO C 54 -11.41 -5.50 -13.09
C PRO C 54 -11.81 -4.82 -11.79
N THR C 55 -12.55 -5.51 -10.95
CA THR C 55 -12.91 -5.04 -9.62
C THR C 55 -12.01 -5.61 -8.50
N SER C 56 -11.05 -6.44 -8.85
CA SER C 56 -10.23 -7.16 -7.86
C SER C 56 -9.09 -7.85 -8.56
N PHE C 57 -8.10 -8.27 -7.77
CA PHE C 57 -7.06 -9.12 -8.30
C PHE C 57 -7.65 -10.46 -8.83
N GLU C 58 -8.68 -10.97 -8.19
CA GLU C 58 -9.38 -12.17 -8.72
C GLU C 58 -9.86 -11.92 -10.15
N ALA C 59 -10.56 -10.80 -10.38
CA ALA C 59 -11.10 -10.50 -11.73
C ALA C 59 -9.97 -10.34 -12.75
N LYS C 60 -8.85 -9.75 -12.32
CA LYS C 60 -7.66 -9.57 -13.17
CA LYS C 60 -7.68 -9.58 -13.20
C LYS C 60 -7.12 -10.93 -13.64
N MET C 61 -6.98 -11.85 -12.68
CA MET C 61 -6.43 -13.16 -12.96
C MET C 61 -7.36 -13.97 -13.85
N LEU C 62 -8.69 -13.87 -13.63
CA LEU C 62 -9.65 -14.61 -14.48
C LEU C 62 -9.67 -14.03 -15.88
N ALA C 63 -9.56 -12.69 -15.99
CA ALA C 63 -9.54 -12.06 -17.28
C ALA C 63 -8.33 -12.53 -18.08
N MET C 64 -7.19 -12.67 -17.41
CA MET C 64 -5.95 -13.22 -18.01
CA MET C 64 -6.00 -13.18 -18.08
CA MET C 64 -5.99 -13.19 -18.06
C MET C 64 -6.25 -14.61 -18.56
N GLN C 65 -6.83 -15.42 -17.68
CA GLN C 65 -7.09 -16.84 -17.97
C GLN C 65 -8.04 -17.03 -19.16
N TYR C 66 -9.06 -16.17 -19.24
CA TYR C 66 -10.11 -16.25 -20.29
C TYR C 66 -9.89 -15.25 -21.43
N GLU C 67 -8.67 -14.69 -21.47
CA GLU C 67 -8.20 -13.82 -22.55
C GLU C 67 -9.08 -12.62 -22.82
N ILE C 68 -9.43 -11.89 -21.75
CA ILE C 68 -10.14 -10.62 -21.85
C ILE C 68 -9.12 -9.51 -21.69
N PRO C 69 -8.92 -8.67 -22.73
CA PRO C 69 -8.00 -7.54 -22.56
C PRO C 69 -8.52 -6.55 -21.53
N LEU C 70 -7.65 -6.19 -20.59
CA LEU C 70 -7.97 -5.30 -19.51
C LEU C 70 -7.43 -3.90 -19.72
N VAL C 71 -8.30 -2.92 -19.47
CA VAL C 71 -7.93 -1.52 -19.46
C VAL C 71 -8.23 -0.98 -18.03
N THR C 72 -8.13 0.33 -17.86
CA THR C 72 -8.25 0.98 -16.56
C THR C 72 -9.41 1.97 -16.53
N LEU C 73 -10.05 2.04 -15.38
CA LEU C 73 -11.11 3.01 -15.15
C LEU C 73 -10.54 4.43 -15.17
N ASP C 74 -9.23 4.58 -14.95
CA ASP C 74 -8.62 5.93 -14.96
C ASP C 74 -8.57 6.44 -16.39
N GLU C 75 -8.74 5.55 -17.38
CA GLU C 75 -8.81 5.91 -18.77
C GLU C 75 -10.16 5.74 -19.45
N TYR C 76 -10.96 4.72 -19.09
CA TYR C 76 -12.20 4.42 -19.81
C TYR C 76 -13.38 4.35 -18.87
N ASP C 77 -14.55 4.75 -19.37
CA ASP C 77 -15.80 4.50 -18.63
C ASP C 77 -16.29 3.09 -18.95
N VAL C 78 -17.11 2.54 -18.05
CA VAL C 78 -17.65 1.20 -18.21
C VAL C 78 -19.06 1.29 -18.75
N ASP C 79 -19.31 0.56 -19.84
CA ASP C 79 -20.64 0.40 -20.45
C ASP C 79 -21.55 -0.40 -19.54
N ILE C 80 -21.16 -1.63 -19.22
CA ILE C 80 -21.91 -2.45 -18.30
C ILE C 80 -20.96 -3.11 -17.29
N ALA C 81 -21.26 -2.92 -16.02
CA ALA C 81 -20.56 -3.62 -14.95
C ALA C 81 -21.45 -4.78 -14.52
N PHE C 82 -20.86 -5.98 -14.42
CA PHE C 82 -21.54 -7.17 -13.91
C PHE C 82 -20.86 -7.60 -12.61
N ASP C 83 -21.63 -7.79 -11.55
CA ASP C 83 -21.03 -8.17 -10.29
C ASP C 83 -22.02 -9.02 -9.48
N GLY C 84 -21.51 -9.77 -8.52
CA GLY C 84 -22.35 -10.48 -7.58
C GLY C 84 -22.73 -9.72 -6.35
N ALA C 85 -23.44 -10.40 -5.47
CA ALA C 85 -23.90 -9.86 -4.19
C ALA C 85 -24.02 -10.95 -3.13
N ASP C 86 -23.79 -10.57 -1.87
CA ASP C 86 -24.06 -11.46 -0.75
C ASP C 86 -25.54 -11.49 -0.40
N GLU C 87 -26.18 -10.33 -0.48
CA GLU C 87 -27.64 -10.17 -0.26
C GLU C 87 -28.20 -9.14 -1.22
N VAL C 88 -29.44 -9.39 -1.64
CA VAL C 88 -30.24 -8.45 -2.41
C VAL C 88 -31.57 -8.35 -1.66
N GLU C 89 -31.87 -7.16 -1.19
CA GLU C 89 -33.15 -6.91 -0.52
C GLU C 89 -34.26 -6.82 -1.58
N GLU C 90 -35.30 -7.63 -1.40
CA GLU C 90 -36.30 -7.85 -2.42
C GLU C 90 -37.05 -6.59 -2.80
N THR C 91 -37.37 -5.74 -1.84
CA THR C 91 -38.28 -4.63 -2.15
C THR C 91 -37.52 -3.41 -2.75
N THR C 92 -36.28 -3.21 -2.30
CA THR C 92 -35.51 -2.02 -2.63
C THR C 92 -34.38 -2.25 -3.65
N LEU C 93 -33.95 -3.50 -3.77
CA LEU C 93 -32.76 -3.93 -4.50
C LEU C 93 -31.45 -3.32 -3.95
N PHE C 94 -31.47 -2.93 -2.68
CA PHE C 94 -30.25 -2.59 -1.98
C PHE C 94 -29.46 -3.90 -1.79
N LEU C 95 -28.15 -3.76 -1.78
CA LEU C 95 -27.30 -4.95 -1.63
C LEU C 95 -26.38 -4.86 -0.45
N ILE C 96 -25.93 -6.04 -0.02
CA ILE C 96 -24.64 -6.17 0.70
C ILE C 96 -23.65 -6.96 -0.18
N LYS C 97 -22.46 -6.37 -0.32
CA LYS C 97 -21.36 -6.96 -1.04
C LYS C 97 -20.12 -6.90 -0.12
N GLY C 98 -19.07 -7.59 -0.51
CA GLY C 98 -17.86 -7.58 0.31
C GLY C 98 -17.62 -8.82 1.16
N GLY C 99 -18.50 -9.81 1.06
CA GLY C 99 -18.20 -11.10 1.65
C GLY C 99 -16.79 -11.59 1.26
N GLY C 100 -16.41 -11.37 0.00
CA GLY C 100 -15.08 -11.71 -0.51
C GLY C 100 -14.02 -10.64 -0.34
N GLY C 101 -14.34 -9.59 0.42
CA GLY C 101 -13.36 -8.58 0.82
C GLY C 101 -13.02 -7.52 -0.21
N CYS C 102 -13.76 -7.46 -1.33
CA CYS C 102 -13.38 -6.61 -2.48
C CYS C 102 -14.37 -5.48 -2.79
N HIS C 103 -15.19 -5.13 -1.81
CA HIS C 103 -16.28 -4.19 -2.01
C HIS C 103 -15.79 -2.79 -2.42
N THR C 104 -14.59 -2.40 -2.04
CA THR C 104 -14.16 -1.01 -2.29
C THR C 104 -13.97 -0.77 -3.78
N GLN C 105 -13.13 -1.58 -4.40
CA GLN C 105 -12.90 -1.49 -5.86
C GLN C 105 -14.19 -1.84 -6.65
N GLU C 106 -14.96 -2.81 -6.15
CA GLU C 106 -16.28 -3.10 -6.74
C GLU C 106 -17.17 -1.86 -6.81
N LYS C 107 -17.29 -1.13 -5.71
CA LYS C 107 -18.15 0.03 -5.66
C LYS C 107 -17.63 1.11 -6.58
N ILE C 108 -16.31 1.30 -6.61
CA ILE C 108 -15.70 2.28 -7.54
C ILE C 108 -16.10 2.04 -9.00
N VAL C 109 -16.07 0.77 -9.42
CA VAL C 109 -16.45 0.40 -10.79
C VAL C 109 -17.98 0.43 -10.98
N ASP C 110 -18.68 -0.24 -10.06
CA ASP C 110 -20.09 -0.52 -10.22
C ASP C 110 -20.97 0.75 -10.18
N TYR C 111 -20.71 1.64 -9.23
CA TYR C 111 -21.46 2.90 -9.14
C TYR C 111 -21.20 3.84 -10.32
N ASN C 112 -20.05 3.73 -10.96
CA ASN C 112 -19.67 4.62 -12.02
C ASN C 112 -19.99 4.10 -13.42
N ALA C 113 -20.37 2.82 -13.51
CA ALA C 113 -20.70 2.24 -14.80
C ALA C 113 -21.99 2.84 -15.34
N ASN C 114 -22.11 2.94 -16.65
CA ASN C 114 -23.38 3.34 -17.25
C ASN C 114 -24.55 2.45 -16.83
N GLU C 115 -24.33 1.13 -16.83
CA GLU C 115 -25.32 0.21 -16.34
C GLU C 115 -24.62 -0.73 -15.39
N PHE C 116 -25.16 -0.86 -14.19
CA PHE C 116 -24.66 -1.83 -13.20
C PHE C 116 -25.69 -2.97 -13.03
N VAL C 117 -25.28 -4.16 -13.44
CA VAL C 117 -26.10 -5.37 -13.44
C VAL C 117 -25.56 -6.33 -12.36
N VAL C 118 -26.38 -6.64 -11.38
CA VAL C 118 -26.05 -7.59 -10.32
C VAL C 118 -26.46 -8.98 -10.82
N LEU C 119 -25.59 -9.97 -10.61
CA LEU C 119 -25.88 -11.39 -10.91
C LEU C 119 -25.93 -12.21 -9.66
N VAL C 120 -27.06 -12.86 -9.40
CA VAL C 120 -27.20 -13.70 -8.21
C VAL C 120 -28.04 -14.92 -8.53
N ASP C 121 -27.89 -15.95 -7.71
CA ASP C 121 -28.89 -17.00 -7.62
C ASP C 121 -29.96 -16.60 -6.61
N GLU C 122 -31.09 -17.27 -6.68
CA GLU C 122 -32.23 -16.97 -5.85
C GLU C 122 -31.96 -16.94 -4.34
N SER C 123 -31.00 -17.73 -3.87
CA SER C 123 -30.68 -17.75 -2.45
C SER C 123 -30.17 -16.42 -1.89
N LYS C 124 -29.75 -15.50 -2.75
CA LYS C 124 -29.24 -14.22 -2.29
CA LYS C 124 -29.25 -14.22 -2.28
C LYS C 124 -30.35 -13.21 -1.95
N LEU C 125 -31.59 -13.50 -2.34
CA LEU C 125 -32.70 -12.59 -2.07
C LEU C 125 -33.13 -12.68 -0.62
N VAL C 126 -33.28 -11.53 0.00
CA VAL C 126 -33.65 -11.47 1.41
C VAL C 126 -34.77 -10.45 1.60
N LYS C 127 -35.52 -10.63 2.69
CA LYS C 127 -36.61 -9.73 3.03
C LYS C 127 -36.09 -8.47 3.69
N LYS C 128 -35.07 -8.62 4.53
CA LYS C 128 -34.53 -7.49 5.28
C LYS C 128 -33.00 -7.45 5.14
N LEU C 129 -32.48 -6.40 4.53
CA LEU C 129 -31.03 -6.27 4.33
C LEU C 129 -30.30 -6.32 5.68
N GLY C 130 -29.27 -7.14 5.76
CA GLY C 130 -28.41 -7.16 6.92
C GLY C 130 -28.93 -7.91 8.15
N GLU C 131 -30.13 -8.51 8.05
CA GLU C 131 -30.65 -9.35 9.12
C GLU C 131 -29.76 -10.57 9.33
N LYS C 132 -29.30 -11.16 8.24
CA LYS C 132 -28.55 -12.41 8.33
C LYS C 132 -27.12 -12.38 7.79
N PHE C 133 -26.62 -11.19 7.45
CA PHE C 133 -25.30 -11.08 6.87
C PHE C 133 -24.71 -9.74 7.37
N PRO C 134 -23.45 -9.75 7.87
CA PRO C 134 -22.83 -8.53 8.39
C PRO C 134 -22.31 -7.64 7.27
N ILE C 135 -22.17 -6.34 7.52
CA ILE C 135 -21.69 -5.40 6.54
C ILE C 135 -20.15 -5.38 6.56
N PRO C 136 -19.53 -5.66 5.43
CA PRO C 136 -18.06 -5.48 5.41
C PRO C 136 -17.65 -4.02 5.36
N VAL C 137 -16.61 -3.70 6.11
CA VAL C 137 -16.12 -2.33 6.21
C VAL C 137 -14.62 -2.37 6.02
N GLU C 138 -14.09 -1.70 4.99
CA GLU C 138 -12.64 -1.67 4.80
C GLU C 138 -12.12 -0.53 5.70
N VAL C 139 -11.06 -0.81 6.47
CA VAL C 139 -10.56 0.10 7.52
CA VAL C 139 -10.56 0.17 7.43
C VAL C 139 -9.04 0.31 7.39
N ILE C 140 -8.60 1.56 7.49
CA ILE C 140 -7.17 1.90 7.62
C ILE C 140 -6.67 1.19 8.87
N PRO C 141 -5.57 0.43 8.75
CA PRO C 141 -5.17 -0.44 9.87
C PRO C 141 -5.00 0.27 11.22
N SER C 142 -4.48 1.49 11.19
CA SER C 142 -4.19 2.27 12.39
C SER C 142 -5.49 2.59 13.16
N ALA C 143 -6.62 2.44 12.48
CA ALA C 143 -7.94 2.91 12.93
C ALA C 143 -8.88 1.81 13.40
N TYR C 144 -8.45 0.56 13.40
CA TYR C 144 -9.44 -0.50 13.56
C TYR C 144 -10.15 -0.36 14.91
N ARG C 145 -9.42 -0.02 15.97
CA ARG C 145 -10.05 0.04 17.30
C ARG C 145 -11.09 1.15 17.38
N VAL C 146 -10.73 2.34 16.91
CA VAL C 146 -11.66 3.47 16.94
C VAL C 146 -12.84 3.30 15.94
N VAL C 147 -12.64 2.58 14.86
CA VAL C 147 -13.79 2.24 13.99
C VAL C 147 -14.74 1.23 14.64
N ILE C 148 -14.19 0.23 15.31
CA ILE C 148 -15.04 -0.70 16.10
C ILE C 148 -15.90 0.10 17.09
N ARG C 149 -15.30 1.07 17.78
CA ARG C 149 -16.04 1.92 18.71
C ARG C 149 -17.17 2.70 18.03
N ALA C 150 -16.85 3.35 16.92
CA ALA C 150 -17.83 4.12 16.17
C ALA C 150 -19.00 3.22 15.76
N LEU C 151 -18.69 2.05 15.21
CA LEU C 151 -19.75 1.18 14.70
C LEU C 151 -20.60 0.66 15.86
N SER C 152 -19.96 0.46 16.99
CA SER C 152 -20.67 0.02 18.20
C SER C 152 -21.63 1.12 18.68
N GLU C 153 -21.22 2.40 18.58
CA GLU C 153 -22.07 3.52 18.98
C GLU C 153 -23.31 3.56 18.11
N MET C 154 -23.15 3.11 16.86
CA MET C 154 -24.22 3.05 15.89
C MET C 154 -25.10 1.81 16.07
N GLY C 155 -24.79 0.98 17.07
CA GLY C 155 -25.58 -0.20 17.39
C GLY C 155 -25.10 -1.47 16.71
N GLY C 156 -23.89 -1.45 16.16
CA GLY C 156 -23.36 -2.61 15.48
C GLY C 156 -22.51 -3.50 16.37
N GLU C 157 -22.48 -4.78 16.00
CA GLU C 157 -21.59 -5.79 16.60
CA GLU C 157 -21.58 -5.77 16.60
C GLU C 157 -20.51 -6.06 15.55
N ALA C 158 -19.32 -5.54 15.81
CA ALA C 158 -18.24 -5.43 14.80
C ALA C 158 -17.09 -6.36 15.16
N VAL C 159 -16.57 -7.09 14.16
CA VAL C 159 -15.45 -7.98 14.42
CA VAL C 159 -15.53 -8.10 14.36
C VAL C 159 -14.44 -7.96 13.28
N ILE C 160 -13.17 -7.97 13.67
CA ILE C 160 -12.11 -7.94 12.67
C ILE C 160 -12.10 -9.28 11.96
N ARG C 161 -12.01 -9.25 10.63
CA ARG C 161 -11.94 -10.46 9.88
C ARG C 161 -10.50 -11.00 9.89
N LEU C 162 -10.34 -12.24 10.35
CA LEU C 162 -9.04 -12.92 10.41
C LEU C 162 -8.97 -14.00 9.34
N GLY C 163 -7.74 -14.32 8.91
CA GLY C 163 -7.52 -15.30 7.83
C GLY C 163 -6.74 -16.53 8.26
N ASP C 164 -6.73 -17.52 7.38
CA ASP C 164 -5.93 -18.73 7.64
CA ASP C 164 -6.01 -18.79 7.58
C ASP C 164 -4.85 -18.98 6.58
N ARG C 165 -4.94 -18.32 5.41
CA ARG C 165 -3.85 -18.42 4.40
C ARG C 165 -2.75 -17.35 4.60
N LYS C 166 -3.06 -16.34 5.40
CA LYS C 166 -2.05 -15.48 5.99
C LYS C 166 -2.47 -15.30 7.45
N ARG C 167 -1.52 -15.37 8.36
CA ARG C 167 -1.81 -15.21 9.78
C ARG C 167 -2.29 -13.79 10.05
N GLY C 168 -3.27 -13.68 10.92
CA GLY C 168 -3.76 -12.38 11.37
C GLY C 168 -4.92 -11.83 10.53
N PRO C 169 -5.14 -10.52 10.62
CA PRO C 169 -6.22 -9.87 9.88
C PRO C 169 -6.14 -10.14 8.37
N VAL C 170 -7.30 -10.33 7.75
CA VAL C 170 -7.39 -10.35 6.31
C VAL C 170 -7.04 -8.93 5.78
N ILE C 171 -6.20 -8.88 4.74
CA ILE C 171 -5.80 -7.63 4.09
C ILE C 171 -6.44 -7.57 2.70
N THR C 172 -7.07 -6.43 2.41
CA THR C 172 -7.72 -6.22 1.15
C THR C 172 -6.69 -6.01 0.01
N ASP C 173 -7.20 -6.01 -1.20
CA ASP C 173 -6.40 -5.69 -2.38
C ASP C 173 -5.75 -4.30 -2.28
N ASN C 174 -6.32 -3.42 -1.44
CA ASN C 174 -5.77 -2.08 -1.18
C ASN C 174 -4.83 -1.95 0.03
N GLY C 175 -4.54 -3.06 0.71
CA GLY C 175 -3.65 -3.10 1.90
C GLY C 175 -4.28 -2.68 3.23
N ASN C 176 -5.61 -2.69 3.30
CA ASN C 176 -6.33 -2.33 4.51
C ASN C 176 -6.96 -3.55 5.18
N MET C 177 -7.50 -3.36 6.39
CA MET C 177 -8.17 -4.40 7.13
CA MET C 177 -8.18 -4.44 7.08
C MET C 177 -9.67 -4.42 6.81
N ILE C 178 -10.34 -5.46 7.29
CA ILE C 178 -11.78 -5.61 7.13
C ILE C 178 -12.43 -5.89 8.48
N ILE C 179 -13.44 -5.09 8.80
CA ILE C 179 -14.28 -5.29 9.95
C ILE C 179 -15.66 -5.68 9.36
N ASP C 180 -16.26 -6.74 9.86
CA ASP C 180 -17.60 -7.13 9.46
C ASP C 180 -18.50 -6.75 10.64
N VAL C 181 -19.60 -6.09 10.36
CA VAL C 181 -20.47 -5.59 11.43
C VAL C 181 -21.95 -5.91 11.16
N PHE C 182 -22.55 -6.61 12.11
CA PHE C 182 -24.00 -6.86 12.09
C PHE C 182 -24.73 -5.62 12.59
N MET C 183 -25.66 -5.13 11.79
CA MET C 183 -26.44 -3.98 12.15
C MET C 183 -27.89 -4.23 11.75
N ASN C 184 -28.77 -3.60 12.51
CA ASN C 184 -30.17 -3.52 12.15
C ASN C 184 -30.34 -2.31 11.24
N ILE C 185 -30.40 -2.55 9.93
CA ILE C 185 -30.39 -1.49 8.93
C ILE C 185 -31.82 -0.95 8.69
N ASP C 186 -32.09 0.28 9.15
N ASP C 186 -32.05 0.26 9.20
CA ASP C 186 -33.41 0.88 8.95
CA ASP C 186 -33.29 1.03 8.99
C ASP C 186 -33.43 1.98 7.87
C ASP C 186 -33.30 1.65 7.64
N ASP C 187 -32.26 2.44 7.39
CA ASP C 187 -32.20 3.33 6.23
C ASP C 187 -30.84 3.04 5.61
N ALA C 188 -30.79 2.12 4.65
CA ALA C 188 -29.52 1.72 4.03
C ALA C 188 -28.72 2.89 3.40
N ILE C 189 -29.42 3.79 2.72
CA ILE C 189 -28.76 4.90 2.03
C ILE C 189 -28.02 5.77 3.07
N GLU C 190 -28.71 6.09 4.16
CA GLU C 190 -28.08 6.92 5.21
C GLU C 190 -27.00 6.18 5.97
N LEU C 191 -27.21 4.89 6.23
CA LEU C 191 -26.20 4.11 6.96
C LEU C 191 -24.90 4.02 6.15
N GLU C 192 -25.03 3.73 4.86
CA GLU C 192 -23.88 3.71 3.95
C GLU C 192 -23.08 5.03 4.07
N LYS C 193 -23.79 6.15 4.03
CA LYS C 193 -23.18 7.47 4.12
C LYS C 193 -22.50 7.71 5.48
N GLU C 194 -23.20 7.36 6.56
CA GLU C 194 -22.65 7.48 7.91
C GLU C 194 -21.42 6.61 8.18
N ILE C 195 -21.45 5.36 7.72
CA ILE C 195 -20.29 4.51 7.92
C ILE C 195 -19.09 5.11 7.21
N ASN C 196 -19.28 5.58 5.98
CA ASN C 196 -18.18 6.17 5.21
C ASN C 196 -17.60 7.44 5.82
N ASN C 197 -18.37 8.10 6.70
CA ASN C 197 -17.89 9.31 7.41
C ASN C 197 -17.21 9.05 8.78
N ILE C 198 -17.06 7.78 9.16
CA ILE C 198 -16.27 7.41 10.31
C ILE C 198 -14.79 7.54 9.89
N PRO C 199 -14.02 8.35 10.62
CA PRO C 199 -12.58 8.40 10.27
C PRO C 199 -11.90 7.04 10.35
N GLY C 200 -11.21 6.68 9.27
CA GLY C 200 -10.57 5.39 9.17
C GLY C 200 -11.33 4.40 8.32
N VAL C 201 -12.61 4.69 8.03
CA VAL C 201 -13.36 3.87 7.09
C VAL C 201 -13.04 4.31 5.65
N VAL C 202 -12.61 3.36 4.83
CA VAL C 202 -12.33 3.57 3.41
C VAL C 202 -13.64 3.41 2.59
N GLU C 203 -14.35 2.33 2.86
CA GLU C 203 -15.59 2.07 2.13
C GLU C 203 -16.35 0.94 2.85
N ASN C 204 -17.65 0.83 2.64
CA ASN C 204 -18.43 -0.28 3.18
C ASN C 204 -19.25 -1.01 2.12
N GLY C 205 -19.77 -2.16 2.50
CA GLY C 205 -20.38 -3.09 1.57
C GLY C 205 -21.86 -2.89 1.34
N ILE C 206 -22.47 -1.87 1.95
CA ILE C 206 -23.85 -1.55 1.56
C ILE C 206 -23.84 -0.86 0.21
N PHE C 207 -24.62 -1.38 -0.76
CA PHE C 207 -24.72 -0.81 -2.11
C PHE C 207 -26.18 -0.37 -2.29
N THR C 208 -26.40 0.88 -2.64
CA THR C 208 -27.75 1.42 -2.75
C THR C 208 -28.00 1.98 -4.14
N LYS C 209 -27.11 1.69 -5.09
CA LYS C 209 -27.28 2.06 -6.48
C LYS C 209 -27.13 0.83 -7.35
N VAL C 210 -28.13 0.54 -8.17
CA VAL C 210 -28.11 -0.58 -9.09
C VAL C 210 -29.06 -0.28 -10.23
N ASP C 211 -28.74 -0.80 -11.40
CA ASP C 211 -29.65 -0.66 -12.53
C ASP C 211 -30.64 -1.83 -12.61
N LYS C 212 -30.12 -3.06 -12.52
CA LYS C 212 -31.00 -4.23 -12.51
C LYS C 212 -30.29 -5.41 -11.90
N VAL C 213 -31.09 -6.35 -11.39
CA VAL C 213 -30.59 -7.56 -10.80
C VAL C 213 -31.12 -8.75 -11.60
N LEU C 214 -30.22 -9.56 -12.13
CA LEU C 214 -30.56 -10.83 -12.78
C LEU C 214 -30.47 -11.92 -11.72
N VAL C 215 -31.55 -12.71 -11.61
CA VAL C 215 -31.67 -13.74 -10.60
C VAL C 215 -31.92 -15.11 -11.23
N GLY C 216 -30.99 -16.03 -10.98
CA GLY C 216 -31.14 -17.39 -11.53
C GLY C 216 -32.07 -18.16 -10.61
N THR C 217 -33.15 -18.67 -11.20
CA THR C 217 -34.13 -19.46 -10.48
C THR C 217 -34.35 -20.74 -11.28
N LYS C 218 -34.95 -21.72 -10.63
CA LYS C 218 -35.22 -22.97 -11.30
C LYS C 218 -36.10 -22.79 -12.57
N LYS C 219 -36.96 -21.78 -12.57
CA LYS C 219 -37.87 -21.53 -13.68
C LYS C 219 -37.30 -20.56 -14.72
N GLY C 220 -36.05 -20.12 -14.52
CA GLY C 220 -35.37 -19.29 -15.50
C GLY C 220 -34.79 -18.06 -14.79
N VAL C 221 -34.21 -17.17 -15.59
CA VAL C 221 -33.61 -15.94 -15.07
C VAL C 221 -34.62 -14.81 -15.04
N LYS C 222 -34.87 -14.28 -13.85
CA LYS C 222 -35.79 -13.15 -13.72
C LYS C 222 -34.95 -11.88 -13.58
N THR C 223 -35.51 -10.76 -14.01
CA THR C 223 -34.85 -9.46 -13.99
C THR C 223 -35.64 -8.56 -13.02
N LEU C 224 -34.96 -8.06 -11.99
CA LEU C 224 -35.53 -7.13 -11.04
C LEU C 224 -35.02 -5.70 -11.30
N LYS C 225 -35.92 -4.72 -11.27
CA LYS C 225 -35.55 -3.31 -11.26
C LYS C 225 -36.48 -2.42 -10.40
N LYS C 226 -35.96 -1.26 -10.03
CA LYS C 226 -36.59 -0.30 -9.10
C LYS C 226 -36.74 -0.82 -7.68
N SER D 2 -0.88 -31.56 15.23
CA SER D 2 0.04 -30.42 14.97
C SER D 2 1.00 -30.15 16.15
N ASN D 3 1.23 -31.17 16.98
CA ASN D 3 2.35 -31.19 17.93
C ASN D 3 2.34 -30.07 18.97
N GLU D 4 1.16 -29.71 19.46
CA GLU D 4 0.98 -28.58 20.37
C GLU D 4 1.73 -28.70 21.70
N ASP D 5 1.85 -29.91 22.23
CA ASP D 5 2.56 -30.13 23.49
C ASP D 5 4.04 -29.82 23.33
N LEU D 6 4.60 -30.22 22.20
CA LEU D 6 6.01 -29.94 21.90
C LEU D 6 6.24 -28.43 21.68
N LYS D 7 5.30 -27.78 20.97
CA LYS D 7 5.33 -26.33 20.78
C LYS D 7 5.30 -25.56 22.09
N LEU D 8 4.39 -25.96 22.99
CA LEU D 8 4.28 -25.33 24.28
C LEU D 8 5.58 -25.52 25.08
N LYS D 9 6.17 -26.72 24.97
CA LYS D 9 7.41 -27.06 25.71
C LYS D 9 8.55 -26.14 25.31
N VAL D 10 8.74 -25.97 24.01
CA VAL D 10 9.79 -25.06 23.51
C VAL D 10 9.49 -23.60 23.89
N ALA D 11 8.22 -23.19 23.86
CA ALA D 11 7.85 -21.82 24.25
C ALA D 11 8.22 -21.52 25.70
N LYS D 12 7.92 -22.47 26.60
CA LYS D 12 8.21 -22.28 28.01
C LYS D 12 9.72 -22.25 28.27
N GLU D 13 10.49 -23.06 27.56
CA GLU D 13 11.95 -22.99 27.65
C GLU D 13 12.50 -21.69 27.05
N ALA D 14 11.99 -21.30 25.88
CA ALA D 14 12.51 -20.09 25.21
C ALA D 14 12.39 -18.84 26.08
N VAL D 15 11.27 -18.70 26.78
CA VAL D 15 10.96 -17.50 27.56
C VAL D 15 11.94 -17.30 28.73
N LYS D 16 12.59 -18.37 29.15
CA LYS D 16 13.65 -18.25 30.17
C LYS D 16 14.84 -17.41 29.71
N LEU D 17 15.08 -17.35 28.39
CA LEU D 17 16.19 -16.56 27.84
C LEU D 17 15.98 -15.04 27.96
N VAL D 18 14.74 -14.61 28.16
CA VAL D 18 14.43 -13.19 28.25
C VAL D 18 14.95 -12.63 29.59
N LYS D 19 15.58 -11.47 29.51
CA LYS D 19 16.12 -10.76 30.67
CA LYS D 19 16.08 -10.79 30.68
C LYS D 19 15.45 -9.40 30.79
N ASP D 20 15.27 -8.93 32.02
CA ASP D 20 14.78 -7.59 32.29
C ASP D 20 15.55 -6.53 31.46
N GLY D 21 14.83 -5.57 30.90
CA GLY D 21 15.42 -4.51 30.06
C GLY D 21 15.61 -4.83 28.58
N MET D 22 15.23 -6.04 28.16
CA MET D 22 15.43 -6.45 26.76
C MET D 22 14.29 -5.95 25.88
N VAL D 23 14.64 -5.73 24.60
CA VAL D 23 13.68 -5.56 23.53
C VAL D 23 13.67 -6.87 22.76
N ILE D 24 12.50 -7.48 22.68
CA ILE D 24 12.31 -8.82 22.13
C ILE D 24 11.50 -8.80 20.84
N GLY D 25 12.01 -9.45 19.81
CA GLY D 25 11.25 -9.59 18.57
C GLY D 25 10.20 -10.66 18.74
N LEU D 26 8.95 -10.31 18.41
CA LEU D 26 7.83 -11.23 18.55
C LEU D 26 7.47 -11.82 17.20
N GLY D 27 7.73 -13.13 17.05
CA GLY D 27 7.52 -13.83 15.81
C GLY D 27 6.06 -14.10 15.51
N THR D 28 5.83 -14.80 14.41
CA THR D 28 4.50 -15.05 13.87
C THR D 28 4.33 -16.55 13.65
N GLY D 29 3.12 -17.03 13.82
CA GLY D 29 2.81 -18.46 13.71
C GLY D 29 2.38 -19.05 15.03
N SER D 30 1.94 -20.30 15.01
CA SER D 30 1.37 -20.94 16.19
C SER D 30 2.38 -21.10 17.34
N THR D 31 3.65 -21.36 17.01
CA THR D 31 4.69 -21.56 18.04
C THR D 31 5.09 -20.24 18.67
N ALA D 32 5.28 -19.20 17.85
CA ALA D 32 5.50 -17.85 18.35
C ALA D 32 4.37 -17.37 19.22
N ALA D 33 3.15 -17.69 18.84
CA ALA D 33 1.99 -17.23 19.57
C ALA D 33 1.99 -17.79 21.01
N LEU D 34 2.41 -19.04 21.15
CA LEU D 34 2.56 -19.63 22.48
C LEU D 34 3.68 -18.94 23.26
N PHE D 35 4.74 -18.54 22.56
CA PHE D 35 5.85 -17.85 23.18
C PHE D 35 5.39 -16.46 23.63
N ILE D 36 4.59 -15.77 22.79
CA ILE D 36 4.11 -14.46 23.18
C ILE D 36 3.26 -14.54 24.45
N ARG D 37 2.41 -15.55 24.57
CA ARG D 37 1.62 -15.76 25.77
C ARG D 37 2.53 -15.98 27.00
N GLU D 38 3.56 -16.82 26.86
CA GLU D 38 4.51 -17.05 27.98
C GLU D 38 5.24 -15.77 28.38
N LEU D 39 5.66 -14.98 27.39
CA LEU D 39 6.34 -13.72 27.66
C LEU D 39 5.42 -12.78 28.39
N GLY D 40 4.17 -12.70 27.92
CA GLY D 40 3.18 -11.83 28.55
C GLY D 40 2.98 -12.22 30.01
N ASN D 41 2.87 -13.52 30.27
CA ASN D 41 2.73 -14.02 31.63
C ASN D 41 3.94 -13.66 32.48
N ARG D 42 5.13 -13.89 31.94
CA ARG D 42 6.37 -13.72 32.69
C ARG D 42 6.66 -12.24 32.99
N ILE D 43 6.25 -11.35 32.08
CA ILE D 43 6.36 -9.90 32.25
C ILE D 43 5.53 -9.45 33.44
N ARG D 44 4.29 -9.93 33.50
CA ARG D 44 3.33 -9.56 34.51
C ARG D 44 3.72 -10.10 35.88
N GLU D 45 3.98 -11.40 35.94
CA GLU D 45 4.22 -12.09 37.19
C GLU D 45 5.56 -11.70 37.84
N GLU D 46 6.52 -11.20 37.05
CA GLU D 46 7.83 -10.80 37.58
C GLU D 46 8.12 -9.31 37.46
N GLU D 47 7.11 -8.52 37.09
CA GLU D 47 7.27 -7.08 36.87
C GLU D 47 8.53 -6.75 36.06
N LEU D 48 8.67 -7.37 34.90
CA LEU D 48 9.81 -7.10 34.03
C LEU D 48 9.58 -5.83 33.23
N THR D 49 10.68 -5.15 32.91
CA THR D 49 10.67 -4.07 31.93
C THR D 49 11.18 -4.67 30.61
N VAL D 50 10.22 -5.07 29.77
CA VAL D 50 10.56 -5.72 28.51
C VAL D 50 9.59 -5.18 27.48
N PHE D 51 10.13 -4.74 26.34
CA PHE D 51 9.31 -4.25 25.23
C PHE D 51 9.38 -5.28 24.10
N GLY D 52 8.28 -5.41 23.34
CA GLY D 52 8.21 -6.24 22.14
C GLY D 52 8.21 -5.44 20.83
N ILE D 53 8.85 -5.99 19.79
CA ILE D 53 8.73 -5.51 18.40
C ILE D 53 8.03 -6.60 17.59
N PRO D 54 6.85 -6.31 17.02
CA PRO D 54 6.11 -7.38 16.33
C PRO D 54 6.59 -7.63 14.89
N THR D 55 6.39 -8.84 14.38
CA THR D 55 6.74 -9.17 13.01
C THR D 55 5.49 -9.27 12.11
N SER D 56 4.35 -8.92 12.68
CA SER D 56 3.08 -8.96 11.97
C SER D 56 1.97 -8.24 12.73
N PHE D 57 0.86 -7.94 12.03
CA PHE D 57 -0.34 -7.48 12.71
C PHE D 57 -0.77 -8.52 13.77
N GLU D 58 -0.65 -9.81 13.46
CA GLU D 58 -1.02 -10.86 14.41
C GLU D 58 -0.23 -10.73 15.70
N ALA D 59 1.09 -10.67 15.57
CA ALA D 59 1.97 -10.56 16.75
C ALA D 59 1.66 -9.28 17.52
N LYS D 60 1.41 -8.20 16.80
CA LYS D 60 1.05 -6.95 17.46
C LYS D 60 -0.24 -7.10 18.27
N MET D 61 -1.26 -7.73 17.68
CA MET D 61 -2.56 -7.88 18.36
C MET D 61 -2.49 -8.83 19.56
N LEU D 62 -1.70 -9.90 19.43
CA LEU D 62 -1.45 -10.80 20.55
C LEU D 62 -0.69 -10.12 21.70
N ALA D 63 0.35 -9.37 21.36
CA ALA D 63 1.12 -8.62 22.36
C ALA D 63 0.18 -7.73 23.17
N MET D 64 -0.68 -7.01 22.47
CA MET D 64 -1.67 -6.15 23.11
C MET D 64 -2.56 -6.93 24.07
N GLN D 65 -3.03 -8.09 23.64
CA GLN D 65 -3.92 -8.95 24.43
CA GLN D 65 -3.93 -8.91 24.46
C GLN D 65 -3.24 -9.39 25.73
N TYR D 66 -1.94 -9.67 25.64
CA TYR D 66 -1.13 -10.16 26.75
C TYR D 66 -0.32 -9.05 27.43
N GLU D 67 -0.66 -7.81 27.09
CA GLU D 67 -0.13 -6.58 27.71
C GLU D 67 1.40 -6.44 27.70
N ILE D 68 2.01 -6.78 26.58
CA ILE D 68 3.43 -6.56 26.38
C ILE D 68 3.57 -5.17 25.73
N PRO D 69 4.33 -4.26 26.36
CA PRO D 69 4.50 -2.94 25.74
C PRO D 69 5.19 -3.11 24.39
N LEU D 70 4.69 -2.41 23.39
CA LEU D 70 5.18 -2.54 22.01
C LEU D 70 6.00 -1.34 21.62
N VAL D 71 7.13 -1.58 20.94
CA VAL D 71 7.90 -0.50 20.33
C VAL D 71 8.14 -0.87 18.87
N THR D 72 8.85 -0.04 18.13
CA THR D 72 9.13 -0.38 16.74
C THR D 72 10.61 -0.44 16.48
N LEU D 73 10.97 -1.17 15.43
CA LEU D 73 12.34 -1.30 14.98
C LEU D 73 12.92 0.01 14.51
N ASP D 74 12.08 0.96 14.12
CA ASP D 74 12.60 2.27 13.73
C ASP D 74 13.10 3.06 14.93
N GLU D 75 12.66 2.67 16.14
CA GLU D 75 13.04 3.30 17.42
C GLU D 75 14.12 2.53 18.20
N TYR D 76 14.07 1.19 18.18
CA TYR D 76 14.94 0.35 19.01
C TYR D 76 15.53 -0.81 18.24
N ASP D 77 16.72 -1.23 18.64
CA ASP D 77 17.29 -2.51 18.24
C ASP D 77 16.74 -3.65 19.11
N VAL D 78 16.80 -4.86 18.59
CA VAL D 78 16.27 -6.03 19.27
C VAL D 78 17.40 -6.84 19.85
N ASP D 79 17.23 -7.24 21.11
CA ASP D 79 18.22 -8.09 21.81
C ASP D 79 18.14 -9.53 21.34
N ILE D 80 16.94 -10.10 21.41
CA ILE D 80 16.66 -11.45 20.94
C ILE D 80 15.33 -11.43 20.17
N ALA D 81 15.35 -11.99 18.97
CA ALA D 81 14.15 -12.20 18.16
C ALA D 81 13.81 -13.68 18.24
N PHE D 82 12.58 -13.99 18.64
CA PHE D 82 12.12 -15.36 18.64
C PHE D 82 11.09 -15.53 17.52
N ASP D 83 11.21 -16.63 16.80
CA ASP D 83 10.31 -16.87 15.67
C ASP D 83 10.24 -18.34 15.35
N GLY D 84 9.18 -18.73 14.65
CA GLY D 84 8.99 -20.10 14.19
C GLY D 84 9.53 -20.35 12.80
N ALA D 85 9.31 -21.55 12.28
CA ALA D 85 9.78 -21.92 10.98
C ALA D 85 8.88 -23.02 10.47
N ASP D 86 8.77 -23.07 9.15
CA ASP D 86 8.03 -24.13 8.46
C ASP D 86 8.93 -25.34 8.23
N GLU D 87 10.20 -25.08 7.98
CA GLU D 87 11.24 -26.12 7.87
C GLU D 87 12.52 -25.60 8.49
N VAL D 88 13.27 -26.52 9.07
CA VAL D 88 14.62 -26.25 9.55
C VAL D 88 15.49 -27.37 8.99
N GLU D 89 16.46 -27.03 8.15
CA GLU D 89 17.36 -28.02 7.58
C GLU D 89 18.39 -28.45 8.63
N GLU D 90 18.49 -29.76 8.85
CA GLU D 90 19.25 -30.31 9.98
C GLU D 90 20.72 -29.93 10.06
N THR D 91 21.40 -29.97 8.93
CA THR D 91 22.84 -29.86 8.95
C THR D 91 23.29 -28.42 8.84
N THR D 92 22.41 -27.55 8.33
CA THR D 92 22.73 -26.15 8.07
C THR D 92 22.03 -25.13 8.99
N LEU D 93 20.89 -25.53 9.54
CA LEU D 93 19.95 -24.66 10.26
C LEU D 93 19.40 -23.54 9.37
N PHE D 94 19.44 -23.75 8.06
CA PHE D 94 18.70 -22.88 7.14
C PHE D 94 17.20 -23.20 7.33
N LEU D 95 16.38 -22.17 7.14
CA LEU D 95 14.94 -22.25 7.28
C LEU D 95 14.20 -21.91 5.99
N ILE D 96 12.98 -22.46 5.91
CA ILE D 96 11.89 -21.83 5.13
C ILE D 96 10.85 -21.31 6.14
N LYS D 97 10.49 -20.04 5.92
CA LYS D 97 9.48 -19.36 6.69
C LYS D 97 8.53 -18.69 5.71
N GLY D 98 7.39 -18.24 6.23
CA GLY D 98 6.39 -17.57 5.41
C GLY D 98 5.16 -18.39 5.09
N GLY D 99 5.04 -19.58 5.70
CA GLY D 99 3.77 -20.31 5.60
C GLY D 99 2.57 -19.44 5.99
N GLY D 100 2.80 -18.58 6.97
CA GLY D 100 1.80 -17.60 7.43
C GLY D 100 1.79 -16.28 6.69
N GLY D 101 2.58 -16.16 5.64
CA GLY D 101 2.54 -14.97 4.79
C GLY D 101 3.18 -13.71 5.33
N CYS D 102 3.98 -13.86 6.40
CA CYS D 102 4.58 -12.71 7.11
C CYS D 102 6.12 -12.71 7.09
N HIS D 103 6.72 -13.45 6.18
CA HIS D 103 8.20 -13.60 6.16
C HIS D 103 8.98 -12.31 5.99
N THR D 104 8.37 -11.29 5.36
CA THR D 104 9.10 -10.04 5.06
C THR D 104 9.42 -9.28 6.33
N GLN D 105 8.39 -8.96 7.14
CA GLN D 105 8.61 -8.28 8.41
C GLN D 105 9.35 -9.20 9.37
N GLU D 106 9.10 -10.51 9.30
CA GLU D 106 9.89 -11.46 10.10
C GLU D 106 11.39 -11.35 9.79
N LYS D 107 11.76 -11.33 8.53
CA LYS D 107 13.20 -11.25 8.17
C LYS D 107 13.81 -9.93 8.64
N ILE D 108 13.07 -8.84 8.50
CA ILE D 108 13.55 -7.53 8.88
C ILE D 108 13.94 -7.49 10.36
N VAL D 109 13.10 -8.05 11.20
CA VAL D 109 13.35 -8.11 12.63
C VAL D 109 14.42 -9.17 12.92
N ASP D 110 14.21 -10.38 12.40
CA ASP D 110 15.04 -11.54 12.77
C ASP D 110 16.51 -11.39 12.36
N TYR D 111 16.79 -10.86 11.18
CA TYR D 111 18.17 -10.69 10.69
C TYR D 111 18.88 -9.51 11.39
N ASN D 112 18.09 -8.61 11.97
CA ASN D 112 18.64 -7.40 12.58
C ASN D 112 18.83 -7.53 14.07
N ALA D 113 18.21 -8.53 14.68
CA ALA D 113 18.33 -8.79 16.10
C ALA D 113 19.79 -9.21 16.43
N ASN D 114 20.23 -8.87 17.63
CA ASN D 114 21.56 -9.32 18.10
C ASN D 114 21.67 -10.83 18.12
N GLU D 115 20.60 -11.48 18.57
CA GLU D 115 20.48 -12.93 18.48
CA GLU D 115 20.45 -12.94 18.54
C GLU D 115 19.11 -13.29 17.90
N PHE D 116 19.12 -14.25 16.97
CA PHE D 116 17.89 -14.81 16.36
C PHE D 116 17.73 -16.29 16.78
N VAL D 117 16.72 -16.54 17.59
CA VAL D 117 16.39 -17.88 18.07
C VAL D 117 15.14 -18.39 17.41
N VAL D 118 15.24 -19.57 16.82
CA VAL D 118 14.10 -20.22 16.17
C VAL D 118 13.50 -21.24 17.12
N LEU D 119 12.18 -21.23 17.19
CA LEU D 119 11.41 -22.13 18.07
C LEU D 119 10.57 -23.06 17.20
N VAL D 120 10.89 -24.36 17.24
CA VAL D 120 10.10 -25.38 16.51
C VAL D 120 9.83 -26.65 17.33
N ASP D 121 8.75 -27.35 16.98
CA ASP D 121 8.60 -28.77 17.36
C ASP D 121 9.42 -29.63 16.40
N GLU D 122 9.72 -30.86 16.83
CA GLU D 122 10.63 -31.72 16.07
C GLU D 122 10.21 -32.06 14.64
N SER D 123 8.92 -31.96 14.34
CA SER D 123 8.42 -32.25 12.99
C SER D 123 8.88 -31.24 11.92
N LYS D 124 9.42 -30.09 12.34
CA LYS D 124 9.90 -29.08 11.38
CA LYS D 124 9.90 -29.08 11.38
C LYS D 124 11.27 -29.40 10.81
N LEU D 125 11.99 -30.33 11.43
CA LEU D 125 13.32 -30.69 10.96
C LEU D 125 13.27 -31.50 9.67
N VAL D 126 14.10 -31.12 8.71
CA VAL D 126 14.15 -31.77 7.43
C VAL D 126 15.58 -32.07 7.05
N LYS D 127 15.77 -33.08 6.22
CA LYS D 127 17.11 -33.42 5.74
C LYS D 127 17.53 -32.45 4.62
N LYS D 128 16.56 -32.02 3.83
CA LYS D 128 16.81 -31.24 2.64
C LYS D 128 15.79 -30.08 2.58
N LEU D 129 16.28 -28.85 2.68
CA LEU D 129 15.43 -27.67 2.61
C LEU D 129 14.70 -27.62 1.27
N GLY D 130 13.38 -27.36 1.32
CA GLY D 130 12.55 -27.12 0.14
C GLY D 130 12.13 -28.35 -0.66
N GLU D 131 12.49 -29.52 -0.16
CA GLU D 131 12.05 -30.76 -0.77
C GLU D 131 10.53 -30.95 -0.67
N LYS D 132 9.98 -30.66 0.51
CA LYS D 132 8.54 -30.86 0.76
C LYS D 132 7.73 -29.61 1.10
N PHE D 133 8.33 -28.43 0.93
CA PHE D 133 7.68 -27.15 1.25
C PHE D 133 8.13 -26.09 0.22
N PRO D 134 7.17 -25.32 -0.33
CA PRO D 134 7.52 -24.31 -1.30
C PRO D 134 8.08 -23.08 -0.59
N ILE D 135 8.90 -22.33 -1.31
CA ILE D 135 9.41 -21.06 -0.81
C ILE D 135 8.38 -19.93 -1.02
N PRO D 136 7.93 -19.28 0.04
CA PRO D 136 7.11 -18.07 -0.14
C PRO D 136 7.91 -16.88 -0.63
N VAL D 137 7.29 -16.12 -1.54
CA VAL D 137 7.91 -15.00 -2.19
C VAL D 137 6.88 -13.86 -2.19
N GLU D 138 7.21 -12.75 -1.56
CA GLU D 138 6.33 -11.58 -1.55
C GLU D 138 6.63 -10.74 -2.78
N VAL D 139 5.54 -10.36 -3.48
CA VAL D 139 5.65 -9.81 -4.82
C VAL D 139 4.80 -8.57 -5.01
N ILE D 140 5.41 -7.57 -5.62
CA ILE D 140 4.69 -6.36 -6.06
C ILE D 140 3.58 -6.76 -7.02
N PRO D 141 2.30 -6.39 -6.72
CA PRO D 141 1.22 -6.95 -7.52
C PRO D 141 1.33 -6.75 -9.06
N SER D 142 1.86 -5.63 -9.49
CA SER D 142 2.01 -5.41 -10.93
C SER D 142 2.98 -6.37 -11.58
N ALA D 143 3.79 -7.06 -10.77
CA ALA D 143 4.88 -7.90 -11.27
C ALA D 143 4.56 -9.38 -11.18
N TYR D 144 3.33 -9.75 -10.82
CA TYR D 144 3.13 -11.18 -10.54
CA TYR D 144 2.94 -11.15 -10.63
C TYR D 144 3.46 -12.05 -11.76
N ARG D 145 3.02 -11.72 -12.95
CA ARG D 145 3.29 -12.56 -14.10
C ARG D 145 4.77 -12.71 -14.38
N VAL D 146 5.47 -11.58 -14.40
CA VAL D 146 6.90 -11.63 -14.70
C VAL D 146 7.75 -12.28 -13.59
N VAL D 147 7.29 -12.23 -12.34
CA VAL D 147 8.00 -12.95 -11.27
C VAL D 147 7.75 -14.47 -11.44
N ILE D 148 6.53 -14.85 -11.79
CA ILE D 148 6.26 -16.27 -12.04
CA ILE D 148 6.20 -16.26 -12.10
C ILE D 148 7.18 -16.74 -13.17
N ARG D 149 7.35 -15.93 -14.19
CA ARG D 149 8.26 -16.22 -15.31
C ARG D 149 9.69 -16.45 -14.82
N ALA D 150 10.21 -15.51 -14.05
CA ALA D 150 11.57 -15.57 -13.58
C ALA D 150 11.81 -16.81 -12.70
N LEU D 151 10.88 -17.10 -11.80
CA LEU D 151 10.98 -18.23 -10.91
C LEU D 151 10.93 -19.55 -11.70
N SER D 152 10.13 -19.56 -12.75
CA SER D 152 10.01 -20.71 -13.65
C SER D 152 11.30 -20.92 -14.45
N GLU D 153 11.86 -19.82 -14.99
CA GLU D 153 13.19 -19.83 -15.60
C GLU D 153 14.28 -20.43 -14.69
N MET D 154 14.18 -20.19 -13.39
CA MET D 154 15.14 -20.67 -12.41
C MET D 154 14.91 -22.12 -12.03
N GLY D 155 13.87 -22.74 -12.59
CA GLY D 155 13.59 -24.14 -12.34
C GLY D 155 12.46 -24.40 -11.37
N GLY D 156 11.75 -23.36 -10.96
CA GLY D 156 10.75 -23.51 -9.93
C GLY D 156 9.36 -23.74 -10.51
N GLU D 157 8.49 -24.33 -9.69
CA GLU D 157 7.08 -24.43 -9.95
C GLU D 157 6.36 -23.44 -9.05
N ALA D 158 5.91 -22.33 -9.63
CA ALA D 158 5.45 -21.17 -8.86
C ALA D 158 3.93 -21.00 -9.04
N VAL D 159 3.23 -20.78 -7.93
CA VAL D 159 1.78 -20.59 -7.97
CA VAL D 159 1.77 -20.65 -7.90
C VAL D 159 1.39 -19.49 -6.98
N ILE D 160 0.46 -18.66 -7.43
CA ILE D 160 -0.06 -17.58 -6.61
CA ILE D 160 -0.04 -17.58 -6.60
C ILE D 160 -0.85 -18.15 -5.43
N ARG D 161 -0.62 -17.63 -4.22
CA ARG D 161 -1.35 -18.08 -3.06
C ARG D 161 -2.71 -17.40 -2.97
N LEU D 162 -3.80 -18.19 -2.97
CA LEU D 162 -5.14 -17.62 -2.97
C LEU D 162 -5.75 -17.59 -1.59
N GLY D 163 -6.63 -16.62 -1.34
CA GLY D 163 -7.26 -16.50 -0.04
C GLY D 163 -8.48 -17.40 0.19
N ASP D 164 -8.68 -17.68 1.49
CA ASP D 164 -9.79 -18.41 2.08
CA ASP D 164 -9.87 -18.41 1.94
C ASP D 164 -10.93 -17.51 2.61
N ARG D 165 -10.55 -16.31 3.05
CA ARG D 165 -11.49 -15.37 3.65
C ARG D 165 -11.55 -14.05 2.89
N LYS D 166 -10.90 -14.04 1.73
CA LYS D 166 -11.03 -12.99 0.73
CA LYS D 166 -11.09 -13.01 0.73
C LYS D 166 -10.95 -13.70 -0.62
N ARG D 167 -11.63 -13.18 -1.63
CA ARG D 167 -11.47 -13.71 -2.97
C ARG D 167 -10.19 -13.24 -3.60
N GLY D 168 -9.56 -14.15 -4.33
CA GLY D 168 -8.37 -13.85 -5.10
C GLY D 168 -7.12 -14.01 -4.25
N PRO D 169 -5.98 -13.49 -4.74
CA PRO D 169 -4.68 -13.59 -4.06
C PRO D 169 -4.70 -13.13 -2.63
N VAL D 170 -4.05 -13.91 -1.77
CA VAL D 170 -3.77 -13.48 -0.41
C VAL D 170 -2.94 -12.19 -0.48
N ILE D 171 -3.23 -11.24 0.40
CA ILE D 171 -2.45 -9.99 0.48
C ILE D 171 -1.75 -9.92 1.85
N THR D 172 -0.47 -9.55 1.83
CA THR D 172 0.34 -9.45 3.03
C THR D 172 0.04 -8.20 3.82
N ASP D 173 0.60 -8.13 5.03
CA ASP D 173 0.48 -6.93 5.84
C ASP D 173 1.05 -5.69 5.13
N ASN D 174 1.87 -5.91 4.08
CA ASN D 174 2.46 -4.83 3.33
C ASN D 174 1.77 -4.47 1.99
N GLY D 175 0.67 -5.16 1.66
CA GLY D 175 -0.14 -4.82 0.47
C GLY D 175 0.26 -5.57 -0.79
N ASN D 176 1.11 -6.59 -0.64
CA ASN D 176 1.66 -7.33 -1.77
C ASN D 176 1.09 -8.76 -1.84
N MET D 177 1.36 -9.47 -2.93
CA MET D 177 0.87 -10.83 -3.12
C MET D 177 1.96 -11.79 -2.67
N ILE D 178 1.61 -13.09 -2.60
CA ILE D 178 2.52 -14.15 -2.22
C ILE D 178 2.49 -15.19 -3.33
N ILE D 179 3.65 -15.52 -3.88
CA ILE D 179 3.81 -16.62 -4.80
C ILE D 179 4.58 -17.68 -4.02
N ASP D 180 4.09 -18.91 -4.04
CA ASP D 180 4.84 -20.01 -3.40
C ASP D 180 5.51 -20.79 -4.52
N VAL D 181 6.81 -21.06 -4.37
CA VAL D 181 7.54 -21.75 -5.43
C VAL D 181 8.31 -22.98 -4.89
N PHE D 182 8.03 -24.14 -5.48
CA PHE D 182 8.83 -25.34 -5.20
C PHE D 182 10.09 -25.31 -6.04
N MET D 183 11.22 -25.49 -5.36
CA MET D 183 12.53 -25.48 -6.00
C MET D 183 13.38 -26.60 -5.41
N ASN D 184 14.31 -27.10 -6.22
CA ASN D 184 15.38 -27.94 -5.68
C ASN D 184 16.52 -27.01 -5.32
N ILE D 185 16.66 -26.79 -4.03
CA ILE D 185 17.59 -25.80 -3.49
C ILE D 185 18.97 -26.44 -3.33
N ASP D 186 19.90 -26.03 -4.18
CA ASP D 186 21.28 -26.51 -4.11
CA ASP D 186 21.29 -26.48 -4.13
C ASP D 186 22.04 -25.68 -3.08
N ASP D 187 22.03 -24.36 -3.24
CA ASP D 187 22.74 -23.39 -2.42
C ASP D 187 21.75 -22.35 -1.94
N ALA D 188 21.32 -22.50 -0.70
CA ALA D 188 20.20 -21.71 -0.14
C ALA D 188 20.58 -20.23 0.01
N ILE D 189 21.83 -19.97 0.38
CA ILE D 189 22.32 -18.58 0.51
C ILE D 189 22.28 -17.87 -0.83
N GLU D 190 22.76 -18.57 -1.87
CA GLU D 190 22.77 -17.97 -3.17
C GLU D 190 21.35 -17.84 -3.72
N LEU D 191 20.49 -18.82 -3.44
CA LEU D 191 19.15 -18.78 -3.99
C LEU D 191 18.32 -17.64 -3.37
N GLU D 192 18.47 -17.46 -2.07
CA GLU D 192 17.87 -16.32 -1.35
C GLU D 192 18.25 -14.99 -2.02
N LYS D 193 19.55 -14.82 -2.32
CA LYS D 193 20.06 -13.60 -2.97
CA LYS D 193 20.06 -13.61 -2.96
C LYS D 193 19.46 -13.45 -4.36
N GLU D 194 19.44 -14.55 -5.12
CA GLU D 194 18.98 -14.51 -6.50
C GLU D 194 17.51 -14.21 -6.62
N ILE D 195 16.69 -14.80 -5.76
CA ILE D 195 15.25 -14.54 -5.79
C ILE D 195 14.96 -13.07 -5.45
N ASN D 196 15.67 -12.53 -4.45
CA ASN D 196 15.47 -11.12 -4.08
C ASN D 196 15.86 -10.14 -5.18
N ASN D 197 16.75 -10.54 -6.09
CA ASN D 197 17.18 -9.72 -7.20
C ASN D 197 16.29 -9.77 -8.44
N ILE D 198 15.19 -10.53 -8.36
CA ILE D 198 14.17 -10.54 -9.41
C ILE D 198 13.34 -9.25 -9.25
N PRO D 199 13.24 -8.41 -10.29
CA PRO D 199 12.39 -7.20 -10.16
C PRO D 199 10.93 -7.58 -9.86
N GLY D 200 10.40 -6.92 -8.85
CA GLY D 200 9.07 -7.25 -8.39
C GLY D 200 9.06 -8.08 -7.11
N VAL D 201 10.16 -8.77 -6.78
CA VAL D 201 10.25 -9.51 -5.53
C VAL D 201 10.69 -8.61 -4.40
N VAL D 202 9.91 -8.61 -3.33
CA VAL D 202 10.18 -7.79 -2.13
C VAL D 202 11.10 -8.59 -1.16
N GLU D 203 10.72 -9.83 -0.89
CA GLU D 203 11.48 -10.67 0.04
C GLU D 203 11.05 -12.14 -0.15
N ASN D 204 11.87 -13.08 0.28
CA ASN D 204 11.49 -14.50 0.19
C ASN D 204 11.73 -15.22 1.51
N GLY D 205 11.14 -16.40 1.63
CA GLY D 205 11.09 -17.12 2.86
C GLY D 205 12.28 -18.01 3.22
N ILE D 206 13.31 -17.99 2.39
CA ILE D 206 14.58 -18.66 2.78
C ILE D 206 15.27 -17.79 3.83
N PHE D 207 15.61 -18.37 4.98
CA PHE D 207 16.39 -17.68 6.03
C PHE D 207 17.70 -18.45 6.22
N THR D 208 18.81 -17.73 6.24
CA THR D 208 20.15 -18.37 6.29
C THR D 208 21.00 -17.81 7.41
N LYS D 209 20.41 -16.97 8.26
CA LYS D 209 21.14 -16.37 9.38
CA LYS D 209 21.11 -16.34 9.38
C LYS D 209 20.32 -16.64 10.64
N VAL D 210 20.68 -17.74 11.31
CA VAL D 210 20.04 -18.19 12.52
C VAL D 210 21.15 -18.39 13.55
N ASP D 211 20.94 -17.92 14.76
CA ASP D 211 21.95 -18.06 15.80
C ASP D 211 21.80 -19.39 16.49
N LYS D 212 20.59 -19.74 16.89
CA LYS D 212 20.29 -21.10 17.35
C LYS D 212 18.83 -21.51 17.22
N VAL D 213 18.62 -22.82 17.27
CA VAL D 213 17.30 -23.42 17.10
C VAL D 213 16.98 -24.26 18.34
N LEU D 214 15.84 -23.96 18.96
CA LEU D 214 15.28 -24.74 20.05
C LEU D 214 14.20 -25.67 19.51
N VAL D 215 14.36 -26.97 19.75
CA VAL D 215 13.51 -28.00 19.15
C VAL D 215 12.80 -28.72 20.28
N GLY D 216 11.48 -28.67 20.31
CA GLY D 216 10.69 -29.40 21.26
C GLY D 216 10.60 -30.84 20.79
N THR D 217 11.04 -31.75 21.64
CA THR D 217 10.98 -33.17 21.35
C THR D 217 10.31 -33.89 22.51
N LYS D 218 10.03 -35.17 22.31
CA LYS D 218 9.34 -35.97 23.33
C LYS D 218 10.16 -36.01 24.62
N LYS D 219 11.49 -36.01 24.45
CA LYS D 219 12.48 -36.04 25.52
C LYS D 219 12.64 -34.71 26.25
N GLY D 220 12.53 -33.61 25.52
CA GLY D 220 12.74 -32.28 26.10
C GLY D 220 12.90 -31.24 25.01
N VAL D 221 13.91 -30.38 25.15
CA VAL D 221 14.20 -29.35 24.17
C VAL D 221 15.66 -29.45 23.83
N LYS D 222 16.01 -29.81 22.60
CA LYS D 222 17.40 -29.76 22.21
C LYS D 222 17.75 -28.45 21.55
N THR D 223 18.99 -28.01 21.73
CA THR D 223 19.51 -26.80 21.07
C THR D 223 20.40 -27.20 19.91
N LEU D 224 20.18 -26.57 18.77
CA LEU D 224 21.03 -26.76 17.60
C LEU D 224 21.79 -25.43 17.32
N LYS D 225 23.09 -25.50 17.04
CA LYS D 225 23.87 -24.31 16.67
C LYS D 225 25.04 -24.72 15.80
N LYS D 226 25.38 -23.93 14.79
CA LYS D 226 26.47 -24.31 13.88
C LYS D 226 27.83 -24.09 14.55
CL CL E . 12.27 7.76 -11.48
C1 PGO F . 4.36 16.10 -21.71
C2 PGO F . 5.57 16.93 -22.13
C3 PGO F . 6.27 17.58 -20.95
O1 PGO F . 3.21 16.95 -21.51
O2 PGO F . 5.16 17.98 -23.02
C1 PGO G . 14.42 14.31 -15.94
C2 PGO G . 15.16 13.29 -16.85
C3 PGO G . 16.24 14.16 -17.45
O1 PGO G . 13.21 13.91 -15.20
O2 PGO G . 14.53 12.61 -17.99
C1 PGO H . 15.33 8.26 -13.97
C2 PGO H . 14.38 9.09 -14.82
C3 PGO H . 13.87 8.22 -15.97
O1 PGO H . 14.66 7.09 -13.47
O2 PGO H . 15.02 10.31 -15.32
CL CL I . -1.26 17.62 6.57
C1 PGO J . -2.74 21.08 8.41
C2 PGO J . -1.27 21.38 8.17
C3 PGO J . -0.81 22.63 8.89
O1 PGO J . -2.98 19.69 8.23
O2 PGO J . -1.06 21.50 6.75
C1 PGO K . 5.49 2.37 25.23
C2 PGO K . 6.94 2.47 24.81
C3 PGO K . 7.80 3.04 25.95
O1 PGO K . 4.83 1.37 24.46
O2 PGO K . 7.07 3.30 23.65
C1 PGO L . 2.13 24.16 7.73
C2 PGO L . 1.53 24.99 8.92
C3 PGO L . 2.25 26.33 9.04
O1 PGO L . 3.25 23.26 7.96
O2 PGO L . 1.46 24.37 10.23
CL CL M . -16.22 -9.10 -2.42
C1 PGO N . -19.62 -11.39 -3.25
C2 PGO N . -20.03 -10.02 -3.80
C3 PGO N . -19.86 -10.05 -5.32
O1 PGO N . -20.36 -12.12 -4.26
O1 PGO N . -18.81 -10.89 -2.18
O2 PGO N . -19.31 -8.87 -3.26
C1 PGO O . -21.10 -15.29 -4.54
C2 PGO O . -19.89 -16.10 -3.97
C3 PGO O . -19.97 -16.18 -2.43
O1 PGO O . -21.26 -14.95 -5.97
O2 PGO O . -18.53 -15.59 -4.12
C ACT P . -7.07 -3.44 -9.41
O ACT P . -7.13 -4.68 -9.53
OXT ACT P . -6.28 -3.01 -8.54
CH3 ACT P . -7.90 -2.51 -10.27
CL CL Q . 4.78 -16.32 8.27
C1 PGO R . 2.69 -22.85 12.39
C2 PGO R . 4.07 -23.11 13.04
C3 PGO R . 4.01 -24.49 13.69
O1 PGO R . 2.09 -21.57 12.67
O2 PGO R . 4.52 -22.18 14.04
C1 PGO S . 6.19 -19.08 9.64
C2 PGO S . 6.53 -19.64 11.01
C3 PGO S . 5.35 -20.42 11.60
O1 PGO S . 7.23 -18.21 9.17
O2 PGO S . 6.93 -18.59 11.93
C1 PGO T . -10.52 -17.17 -4.79
C1 PGO T . -10.30 -17.32 -4.53
C2 PGO T . -10.89 -18.60 -5.15
C2 PGO T . -10.64 -18.81 -4.63
C3 PGO T . -9.94 -19.62 -4.54
C3 PGO T . -11.75 -19.09 -5.66
O1 PGO T . -10.04 -17.04 -3.45
O1 PGO T . -10.83 -16.57 -5.63
O2 PGO T . -10.90 -18.73 -6.58
O2 PGO T . -11.06 -19.27 -3.34
#